data_8JGB
#
_entry.id   8JGB
#
_cell.length_a   1.00
_cell.length_b   1.00
_cell.length_c   1.00
_cell.angle_alpha   90.00
_cell.angle_beta   90.00
_cell.angle_gamma   90.00
#
_symmetry.space_group_name_H-M   'P 1'
#
loop_
_entity.id
_entity.type
_entity.pdbx_description
1 polymer Conorfamide-Tx2
2 polymer 'Guanine nucleotide-binding protein G(I)/G(S)/G(O) subunit gamma-2'
3 polymer 'Guanine nucleotide-binding protein G(i) subunit alpha-1'
4 polymer 'Guanine nucleotide-binding protein G(I)/G(S)/G(T) subunit beta-1'
5 polymer 'Mas-related G-protein coupled receptor member X1'
6 polymer scFv16
#
loop_
_entity_poly.entity_id
_entity_poly.type
_entity_poly.pdbx_seq_one_letter_code
_entity_poly.pdbx_strand_id
1 'polypeptide(L)' HSGILLAWSGPRNRFVRI L
2 'polypeptide(L)' NTASIAQARKLVEQLKMEANIDRIKVSKAAADLMAYCEAHAKEDPLLTPVPASENPFREK G
3 'polypeptide(L)'
;MGCTLSAEDKAAVERSKMIDRNLREDGEKAAREVKLLLLGAGESGKSTIVKQMKIIHEAGYSEEECKQYKAVVYSNTIQS
IIAIIRAMGRLKIDFGDSARADDARQLFVLAGAAEEGFMTAELAGVIKRLWKDSGVQACFNRSREYQLNDSAAYYLNDLD
RIAQPNYIPTQQDVLRTRVKTTGIVETHFTFKDLHFKMFDVGGQRSERKKWIHCFEGVTAIIFCVALSDYDLVLAEDEEM
NRMHESMKLFDSICNNKWFTDTSIILFLNKKDLFEEKIKKSPLTICYPEYAGSNTYEEAAAYIQCQFEDLNKRKDTKEIY
THFTCATDTKNVQFVFDAVTDVIIKNNLKDCGLF
;
A
4 'polypeptide(L)'
;MHHHHHHLEVLFQGPGSSGSELDQLRQEAEQLKNQIRDARKACADATLSQITNNIDPVGRIQMRTRRTLRGHLAKIYAMH
WGTDSRLLVSASQDGKLIIWDSYTTNKVHAIPLRSSWVMTCAYAPSGNYVACGGLDNICSIYNLKTREGNVRVSRELAGH
TGYLSCCRFLDDNQIVTSSGDTTCALWDIETGQQTTTFTGHTGDVMSLSLAPDTRLFVSGACDASAKLWDVREGMCRQTF
TGHESDINAICFFPNGNAFATGSDDATCRLFDLRADQELMTYSHDNIICGITSVSFSKSGRLLLAGYDDFNCNVWDALKA
DRAGVLAGHDNRVSCLGVTDDGMAVATGSWDSFLKIWN
;
B
5 'polypeptide(L)'
;MDPTISTLDTELTPINGTEETLCYKQTLSLTVLTCIVSLVGLTGNAVVLWLLGCRMRRNAFSIYILNLAAADFLFLSGRL
IYSLLSFISIPHTISKILYPVMMFSYFAGLSFLSAVSTERCLSVLWPIWYRCHRPTHLSAVVCVLLWALSLLRSILEWML
CGFLFSGADSAWCQTSDFITVAWLIFLCVVLCGSSLVLLIRILCGSRKIPLTRLYVTILLTVLVFLLCGLPFGIQFFLFL
WIHVDREVLFCHVHLVSIFLSALNSSANPIIYFFVGSFRQRQNRQNLKLVLQRALQDASEVDEGGGQLPEEILELSGSR
;
R
6 'polypeptide(L)'
;MLLVNQSHQGFNKEHTSKMVSAIVLYVLLAAAAHSAFAVQLVESGGGLVQPGGSRKLSCSASGFAFSSFGMHWVRQAPEK
GLEWVAYISSGSGTIYYADTVKGRFTISRDDPKNTLFLQMTSLRSEDTAMYYCVRSIYYYGSSPFDFWGQGTTLTVSAGG
GGSGGGGSGGGGSADIVMTQATSSVPVTPGESVSISCRSSKSLLHSNGNTYLYWFLQRPGQSPQLLIYRMSNLASGVPDR
FSGSGSGTAFTLTISRLEAEDVGVYYCMQHLEYPLTFGAGTKLEL
;
S
#
# COMPACT_ATOMS: atom_id res chain seq x y z
N ARG A 14 45.41 -25.62 32.16
CA ARG A 14 46.38 -26.67 31.90
C ARG A 14 46.13 -27.32 30.54
N PHE A 15 45.70 -26.51 29.58
CA PHE A 15 45.43 -27.00 28.24
C PHE A 15 45.93 -26.03 27.18
N VAL A 16 46.86 -25.16 27.54
CA VAL A 16 47.29 -24.14 26.60
C VAL A 16 45.99 -23.72 25.95
N ARG A 17 44.98 -23.59 26.78
CA ARG A 17 43.73 -23.13 26.27
C ARG A 17 43.91 -21.68 26.01
N ILE A 18 44.66 -21.34 24.99
CA ILE A 18 44.88 -19.95 24.73
C ILE A 18 44.50 -19.55 23.34
N SER B 4 -47.17 -5.48 -12.53
CA SER B 4 -45.89 -5.16 -13.15
C SER B 4 -45.97 -5.27 -14.66
N ILE B 5 -46.96 -4.57 -15.23
CA ILE B 5 -47.17 -4.62 -16.68
C ILE B 5 -46.37 -3.53 -17.40
N ALA B 6 -46.08 -2.42 -16.73
CA ALA B 6 -45.32 -1.35 -17.37
C ALA B 6 -43.89 -1.77 -17.67
N GLN B 7 -43.27 -2.51 -16.75
CA GLN B 7 -41.89 -2.95 -16.95
C GLN B 7 -41.73 -3.88 -18.14
N ALA B 8 -42.79 -4.60 -18.52
CA ALA B 8 -42.73 -5.50 -19.65
C ALA B 8 -42.83 -4.77 -21.00
N ARG B 9 -43.14 -3.48 -20.99
CA ARG B 9 -43.25 -2.70 -22.22
C ARG B 9 -41.96 -1.95 -22.55
N LYS B 10 -41.26 -1.42 -21.54
CA LYS B 10 -40.00 -0.75 -21.80
C LYS B 10 -38.95 -1.72 -22.31
N LEU B 11 -38.98 -2.97 -21.86
CA LEU B 11 -38.06 -3.97 -22.37
C LEU B 11 -38.31 -4.23 -23.85
N VAL B 12 -39.58 -4.30 -24.25
CA VAL B 12 -39.92 -4.47 -25.66
C VAL B 12 -39.48 -3.26 -26.47
N GLU B 13 -39.67 -2.05 -25.92
CA GLU B 13 -39.21 -0.85 -26.62
C GLU B 13 -37.71 -0.86 -26.81
N GLN B 14 -36.96 -1.22 -25.77
CA GLN B 14 -35.51 -1.29 -25.88
C GLN B 14 -35.08 -2.35 -26.89
N LEU B 15 -35.74 -3.50 -26.89
CA LEU B 15 -35.41 -4.54 -27.86
C LEU B 15 -35.69 -4.07 -29.28
N LYS B 16 -36.81 -3.37 -29.49
CA LYS B 16 -37.11 -2.84 -30.81
C LYS B 16 -36.07 -1.83 -31.25
N MET B 17 -35.59 -1.00 -30.31
CA MET B 17 -34.55 -0.03 -30.65
C MET B 17 -33.23 -0.73 -31.01
N GLU B 18 -32.89 -1.80 -30.31
CA GLU B 18 -31.63 -2.50 -30.51
C GLU B 18 -31.64 -3.46 -31.68
N ALA B 19 -32.64 -3.37 -32.56
CA ALA B 19 -32.72 -4.26 -33.72
C ALA B 19 -32.63 -3.53 -35.06
N ASN B 20 -32.97 -2.25 -35.11
CA ASN B 20 -32.91 -1.48 -36.35
C ASN B 20 -31.63 -0.67 -36.43
N ILE B 21 -30.51 -1.39 -36.50
CA ILE B 21 -29.20 -0.77 -36.72
C ILE B 21 -28.58 -1.39 -37.96
N ASP B 22 -27.40 -0.93 -38.35
CA ASP B 22 -26.69 -1.50 -39.49
C ASP B 22 -25.51 -2.31 -39.06
N ARG B 23 -25.28 -3.42 -39.70
CA ARG B 23 -24.21 -4.36 -39.39
C ARG B 23 -23.41 -4.66 -40.64
N ILE B 24 -22.09 -4.67 -40.49
CA ILE B 24 -21.19 -5.02 -41.57
C ILE B 24 -20.73 -6.46 -41.39
N LYS B 25 -20.20 -7.04 -42.46
CA LYS B 25 -19.76 -8.42 -42.41
C LYS B 25 -18.61 -8.58 -41.43
N VAL B 26 -18.54 -9.76 -40.79
CA VAL B 26 -17.50 -10.02 -39.80
C VAL B 26 -16.13 -10.01 -40.45
N SER B 27 -16.04 -10.48 -41.70
CA SER B 27 -14.77 -10.44 -42.41
C SER B 27 -14.27 -9.02 -42.60
N LYS B 28 -15.17 -8.09 -42.92
CA LYS B 28 -14.76 -6.70 -43.09
C LYS B 28 -14.28 -6.09 -41.79
N ALA B 29 -14.95 -6.40 -40.68
CA ALA B 29 -14.50 -5.89 -39.38
C ALA B 29 -13.19 -6.51 -38.94
N ALA B 30 -12.98 -7.79 -39.28
CA ALA B 30 -11.71 -8.45 -38.96
C ALA B 30 -10.58 -8.00 -39.88
N ALA B 31 -10.90 -7.42 -41.03
CA ALA B 31 -9.92 -6.83 -41.91
C ALA B 31 -9.65 -5.36 -41.58
N ASP B 32 -9.91 -4.94 -40.36
CA ASP B 32 -9.60 -3.59 -39.89
C ASP B 32 -8.73 -3.61 -38.65
N LEU B 33 -8.95 -4.54 -37.73
CA LEU B 33 -8.02 -4.70 -36.61
C LEU B 33 -6.64 -5.09 -37.11
N MET B 34 -6.58 -5.95 -38.14
CA MET B 34 -5.30 -6.29 -38.75
C MET B 34 -4.61 -5.05 -39.30
N ALA B 35 -5.36 -4.21 -40.02
CA ALA B 35 -4.78 -3.00 -40.59
C ALA B 35 -4.26 -2.07 -39.51
N TYR B 36 -5.04 -1.87 -38.45
CA TYR B 36 -4.58 -1.01 -37.37
C TYR B 36 -3.32 -1.55 -36.72
N CYS B 37 -3.30 -2.85 -36.43
CA CYS B 37 -2.11 -3.45 -35.80
C CYS B 37 -0.89 -3.33 -36.68
N GLU B 38 -1.02 -3.59 -37.98
CA GLU B 38 0.13 -3.51 -38.87
C GLU B 38 0.56 -2.08 -39.12
N ALA B 39 -0.35 -1.12 -39.04
CA ALA B 39 0.04 0.27 -39.20
C ALA B 39 0.72 0.84 -37.96
N HIS B 40 0.37 0.34 -36.77
CA HIS B 40 0.94 0.88 -35.54
C HIS B 40 1.96 -0.04 -34.89
N ALA B 41 2.32 -1.14 -35.56
CA ALA B 41 3.23 -2.12 -34.96
C ALA B 41 4.55 -1.51 -34.51
N LYS B 42 5.14 -0.66 -35.35
CA LYS B 42 6.46 -0.08 -35.04
C LYS B 42 6.54 0.69 -33.73
N GLU B 43 5.42 1.25 -33.27
CA GLU B 43 5.46 2.08 -32.06
C GLU B 43 5.05 1.30 -30.82
N ASP B 44 5.28 -0.01 -30.79
CA ASP B 44 4.94 -0.83 -29.64
C ASP B 44 6.20 -1.32 -28.94
N PRO B 45 6.64 -0.66 -27.87
CA PRO B 45 7.83 -1.15 -27.15
C PRO B 45 7.66 -2.52 -26.52
N LEU B 46 6.42 -2.97 -26.29
CA LEU B 46 6.22 -4.30 -25.73
C LEU B 46 6.34 -5.39 -26.78
N LEU B 47 6.14 -5.06 -28.06
CA LEU B 47 6.35 -6.05 -29.13
C LEU B 47 7.83 -6.21 -29.43
N THR B 48 8.48 -5.11 -29.82
CA THR B 48 9.91 -5.13 -30.13
C THR B 48 10.68 -4.58 -28.94
N PRO B 49 11.55 -5.37 -28.31
CA PRO B 49 12.37 -4.86 -27.21
C PRO B 49 13.02 -3.53 -27.55
N VAL B 50 12.95 -2.60 -26.61
CA VAL B 50 13.50 -1.26 -26.77
C VAL B 50 14.96 -1.25 -26.30
N PRO B 51 15.87 -0.67 -27.07
CA PRO B 51 17.28 -0.63 -26.65
C PRO B 51 17.46 0.10 -25.32
N ALA B 52 18.43 -0.37 -24.55
CA ALA B 52 18.65 0.17 -23.21
C ALA B 52 19.02 1.64 -23.23
N SER B 53 19.43 2.17 -24.38
CA SER B 53 19.81 3.58 -24.46
C SER B 53 18.61 4.52 -24.40
N GLU B 54 17.40 4.03 -24.68
CA GLU B 54 16.21 4.88 -24.64
C GLU B 54 15.10 4.21 -23.84
N ASN B 55 15.45 3.41 -22.85
CA ASN B 55 14.46 2.80 -21.96
C ASN B 55 14.47 3.55 -20.64
N PRO B 56 13.40 4.24 -20.26
CA PRO B 56 13.42 5.04 -19.03
C PRO B 56 13.39 4.22 -17.75
N PHE B 57 13.42 2.90 -17.80
CA PHE B 57 13.27 2.11 -16.59
C PHE B 57 14.42 1.19 -16.38
N ARG B 58 15.51 1.42 -17.10
CA ARG B 58 16.67 0.57 -16.97
C ARG B 58 17.95 1.32 -16.99
N GLU B 59 18.15 2.10 -18.04
CA GLU B 59 19.35 2.91 -18.17
C GLU B 59 19.02 4.08 -19.07
N LYS B 60 18.17 4.98 -18.58
CA LYS B 60 17.77 6.13 -19.38
C LYS B 60 18.92 6.60 -20.27
N LEU C 5 23.08 12.81 -7.95
CA LEU C 5 21.81 13.42 -7.64
C LEU C 5 21.97 14.88 -7.33
N SER C 6 20.97 15.68 -7.68
CA SER C 6 21.03 17.08 -7.39
C SER C 6 20.43 17.41 -6.03
N ALA C 7 20.51 18.61 -5.51
CA ALA C 7 20.04 18.98 -4.19
C ALA C 7 18.54 18.83 -4.14
N GLU C 8 17.90 19.18 -5.24
CA GLU C 8 16.47 19.08 -5.38
C GLU C 8 16.02 17.72 -5.50
N ASP C 9 16.84 16.80 -5.97
CA ASP C 9 16.49 15.39 -6.05
C ASP C 9 16.84 14.66 -4.81
N LYS C 10 17.75 15.21 -4.02
CA LYS C 10 18.13 14.64 -2.77
C LYS C 10 17.09 15.06 -1.75
N ALA C 11 16.42 16.18 -1.97
CA ALA C 11 15.37 16.68 -1.07
C ALA C 11 14.09 15.99 -1.29
N ALA C 12 13.79 15.52 -2.48
CA ALA C 12 12.67 14.64 -2.77
C ALA C 12 12.85 13.28 -2.10
N VAL C 13 14.07 12.74 -2.12
CA VAL C 13 14.33 11.47 -1.44
C VAL C 13 14.14 11.61 0.06
N GLU C 14 14.60 12.73 0.63
CA GLU C 14 14.42 12.96 2.05
C GLU C 14 12.95 13.05 2.42
N ARG C 15 12.15 13.74 1.61
CA ARG C 15 10.71 13.80 1.84
C ARG C 15 10.07 12.42 1.73
N SER C 16 10.47 11.64 0.74
CA SER C 16 9.91 10.30 0.58
C SER C 16 10.22 9.42 1.78
N LYS C 17 11.45 9.53 2.32
CA LYS C 17 11.80 8.78 3.51
C LYS C 17 11.06 9.30 4.74
N MET C 18 10.73 10.59 4.77
CA MET C 18 10.03 11.14 5.92
C MET C 18 8.59 10.63 6.01
N ILE C 19 7.92 10.46 4.87
CA ILE C 19 6.52 10.07 4.89
C ILE C 19 6.30 8.56 4.98
N ASP C 20 7.29 7.75 4.61
CA ASP C 20 7.17 6.32 4.82
C ASP C 20 7.52 5.92 6.24
N ARG C 21 8.11 6.82 7.02
CA ARG C 21 8.28 6.59 8.45
C ARG C 21 6.97 6.76 9.19
N ASN C 22 6.09 7.65 8.71
CA ASN C 22 4.76 7.78 9.29
C ASN C 22 3.85 6.63 8.88
N LEU C 23 4.08 6.04 7.72
CA LEU C 23 3.30 4.87 7.32
C LEU C 23 3.58 3.67 8.21
N ARG C 24 4.76 3.63 8.84
CA ARG C 24 5.06 2.57 9.79
C ARG C 24 4.39 2.81 11.13
N GLU C 25 4.32 4.07 11.58
CA GLU C 25 3.66 4.37 12.84
C GLU C 25 2.18 4.02 12.79
N ASP C 26 1.51 4.35 11.71
CA ASP C 26 0.09 4.04 11.58
C ASP C 26 -0.15 2.54 11.46
N GLY C 27 0.75 1.82 10.79
CA GLY C 27 0.61 0.38 10.68
C GLY C 27 0.74 -0.34 12.01
N GLU C 28 1.64 0.13 12.87
CA GLU C 28 1.79 -0.46 14.19
C GLU C 28 0.63 -0.14 15.10
N LYS C 29 0.03 1.06 14.94
CA LYS C 29 -1.10 1.43 15.78
C LYS C 29 -2.34 0.63 15.42
N ALA C 30 -2.53 0.32 14.14
CA ALA C 30 -3.70 -0.42 13.69
C ALA C 30 -3.58 -1.92 13.90
N ALA C 31 -2.38 -2.42 14.19
CA ALA C 31 -2.20 -3.84 14.46
C ALA C 31 -2.46 -4.20 15.91
N ARG C 32 -2.75 -3.22 16.76
CA ARG C 32 -3.07 -3.47 18.16
C ARG C 32 -4.58 -3.54 18.40
N GLU C 33 -5.37 -2.90 17.54
CA GLU C 33 -6.82 -2.94 17.67
C GLU C 33 -7.36 -4.29 17.21
N VAL C 34 -8.45 -4.72 17.84
CA VAL C 34 -9.15 -5.94 17.43
C VAL C 34 -10.43 -5.53 16.73
N LYS C 35 -10.72 -6.18 15.60
CA LYS C 35 -11.86 -5.84 14.76
C LYS C 35 -12.86 -6.99 14.74
N LEU C 36 -14.14 -6.65 14.75
CA LEU C 36 -15.20 -7.64 14.81
C LEU C 36 -16.19 -7.38 13.69
N LEU C 37 -16.74 -8.44 13.12
CA LEU C 37 -17.74 -8.35 12.06
C LEU C 37 -19.10 -8.72 12.65
N LEU C 38 -20.08 -7.82 12.61
CA LEU C 38 -21.42 -8.07 13.13
C LEU C 38 -22.40 -8.48 12.08
N LEU C 39 -22.75 -9.75 12.05
CA LEU C 39 -23.71 -10.33 11.13
C LEU C 39 -24.97 -10.72 11.89
N GLY C 40 -25.99 -11.11 11.14
CA GLY C 40 -27.26 -11.47 11.73
C GLY C 40 -28.35 -11.46 10.69
N ALA C 41 -29.55 -11.78 11.16
CA ALA C 41 -30.73 -11.78 10.30
C ALA C 41 -31.50 -10.48 10.46
N GLY C 42 -32.63 -10.40 9.76
CA GLY C 42 -33.47 -9.22 9.83
C GLY C 42 -34.10 -9.01 11.19
N GLU C 43 -33.72 -7.90 11.85
CA GLU C 43 -34.24 -7.54 13.16
C GLU C 43 -34.08 -8.68 14.16
N SER C 44 -32.92 -9.34 14.14
CA SER C 44 -32.65 -10.46 15.03
C SER C 44 -32.16 -10.04 16.39
N GLY C 45 -31.80 -8.78 16.59
CA GLY C 45 -31.25 -8.32 17.84
C GLY C 45 -29.91 -7.64 17.65
N LYS C 46 -29.49 -7.51 16.40
CA LYS C 46 -28.25 -6.80 16.11
C LYS C 46 -28.32 -5.34 16.53
N SER C 47 -29.51 -4.75 16.46
CA SER C 47 -29.74 -3.38 16.87
C SER C 47 -29.88 -3.23 18.37
N THR C 48 -29.46 -4.21 19.15
CA THR C 48 -29.52 -4.14 20.60
C THR C 48 -28.17 -4.39 21.27
N ILE C 49 -27.35 -5.27 20.70
CA ILE C 49 -26.06 -5.59 21.30
C ILE C 49 -25.16 -4.37 21.32
N VAL C 50 -25.28 -3.51 20.30
CA VAL C 50 -24.43 -2.32 20.24
C VAL C 50 -24.70 -1.39 21.43
N LYS C 51 -25.95 -1.34 21.90
CA LYS C 51 -26.26 -0.56 23.10
C LYS C 51 -25.81 -1.27 24.38
N GLN C 52 -25.74 -2.61 24.38
CA GLN C 52 -25.06 -3.29 25.47
C GLN C 52 -23.61 -2.85 25.54
N MET C 53 -22.98 -2.67 24.39
CA MET C 53 -21.63 -2.17 24.37
C MET C 53 -21.70 -0.68 24.61
N LYS C 54 -20.59 -0.07 25.01
CA LYS C 54 -20.61 1.36 25.36
C LYS C 54 -20.84 2.23 24.13
N ILE C 55 -20.21 1.89 23.01
CA ILE C 55 -20.29 2.68 21.78
C ILE C 55 -19.85 4.13 22.01
N THR C 182 -25.77 5.39 3.01
CA THR C 182 -24.86 4.95 4.06
C THR C 182 -24.62 3.44 3.95
N GLY C 183 -23.36 3.08 3.68
CA GLY C 183 -23.03 1.69 3.42
C GLY C 183 -22.83 0.83 4.65
N ILE C 184 -21.79 1.12 5.42
CA ILE C 184 -21.51 0.39 6.65
C ILE C 184 -21.22 1.39 7.75
N VAL C 185 -21.42 0.94 8.99
CA VAL C 185 -21.25 1.76 10.17
C VAL C 185 -20.19 1.11 11.06
N GLU C 186 -19.31 1.93 11.62
CA GLU C 186 -18.24 1.47 12.50
C GLU C 186 -18.49 1.97 13.91
N THR C 187 -18.20 1.12 14.88
CA THR C 187 -18.37 1.48 16.28
C THR C 187 -17.06 1.31 17.04
N HIS C 188 -16.77 2.17 18.00
CA HIS C 188 -15.53 2.16 18.76
C HIS C 188 -15.84 2.11 20.24
N PHE C 189 -15.18 1.19 20.95
CA PHE C 189 -15.29 1.15 22.40
C PHE C 189 -14.04 0.49 22.97
N THR C 190 -13.77 0.78 24.23
CA THR C 190 -12.57 0.30 24.92
C THR C 190 -13.00 -0.44 26.18
N PHE C 191 -12.41 -1.62 26.40
CA PHE C 191 -12.72 -2.43 27.57
C PHE C 191 -11.43 -3.01 28.11
N LYS C 192 -11.04 -2.57 29.31
CA LYS C 192 -9.83 -3.03 29.98
C LYS C 192 -8.59 -2.84 29.10
N ASP C 193 -8.40 -1.58 28.70
CA ASP C 193 -7.21 -1.16 27.96
C ASP C 193 -7.06 -1.91 26.64
N LEU C 194 -8.19 -2.27 26.05
CA LEU C 194 -8.21 -2.94 24.75
C LEU C 194 -9.20 -2.22 23.85
N HIS C 195 -8.78 -1.91 22.63
CA HIS C 195 -9.62 -1.20 21.68
C HIS C 195 -10.36 -2.18 20.79
N PHE C 196 -11.65 -1.91 20.56
CA PHE C 196 -12.50 -2.74 19.72
C PHE C 196 -13.06 -1.91 18.58
N LYS C 197 -13.29 -2.57 17.44
CA LYS C 197 -13.86 -1.93 16.26
C LYS C 197 -14.87 -2.88 15.64
N MET C 198 -16.12 -2.51 15.67
CA MET C 198 -17.16 -3.35 15.16
C MET C 198 -17.78 -2.80 13.91
N PHE C 199 -17.96 -3.61 12.89
CA PHE C 199 -18.51 -3.20 11.61
C PHE C 199 -19.87 -3.85 11.39
N ASP C 200 -20.83 -3.06 10.91
CA ASP C 200 -22.16 -3.54 10.58
C ASP C 200 -22.40 -3.41 9.09
N VAL C 201 -22.80 -4.49 8.46
CA VAL C 201 -23.06 -4.52 7.02
C VAL C 201 -24.52 -4.81 6.71
N GLY C 202 -25.41 -4.50 7.65
CA GLY C 202 -26.82 -4.82 7.46
C GLY C 202 -27.46 -4.04 6.33
N GLY C 203 -27.17 -2.74 6.24
CA GLY C 203 -27.72 -1.92 5.18
C GLY C 203 -26.94 -2.07 3.88
N GLN C 204 -26.93 -3.27 3.30
CA GLN C 204 -26.26 -3.52 2.04
C GLN C 204 -26.89 -4.70 1.37
N ARG C 205 -27.69 -4.45 0.35
CA ARG C 205 -28.27 -5.54 -0.40
C ARG C 205 -27.51 -5.78 -1.69
N SER C 206 -26.24 -6.19 -1.60
CA SER C 206 -25.41 -6.41 -2.77
C SER C 206 -24.82 -7.81 -2.72
N GLU C 207 -24.65 -8.44 -3.89
CA GLU C 207 -24.15 -9.81 -3.90
C GLU C 207 -23.02 -9.96 -2.90
N ARG C 208 -23.24 -10.80 -1.88
CA ARG C 208 -22.28 -10.92 -0.79
C ARG C 208 -20.96 -11.53 -1.27
N LYS C 209 -21.01 -12.39 -2.28
CA LYS C 209 -19.79 -13.03 -2.77
C LYS C 209 -18.82 -12.05 -3.42
N LYS C 210 -19.25 -10.81 -3.67
CA LYS C 210 -18.41 -9.83 -4.35
C LYS C 210 -17.65 -8.93 -3.39
N TRP C 211 -18.03 -8.87 -2.12
CA TRP C 211 -17.31 -8.03 -1.17
C TRP C 211 -17.03 -8.69 0.17
N ILE C 212 -17.42 -9.96 0.37
CA ILE C 212 -17.19 -10.59 1.67
C ILE C 212 -15.73 -10.92 1.88
N HIS C 213 -14.93 -11.00 0.81
CA HIS C 213 -13.51 -11.28 0.96
C HIS C 213 -12.74 -10.11 1.52
N CYS C 214 -13.34 -8.91 1.57
CA CYS C 214 -12.68 -7.75 2.15
C CYS C 214 -12.48 -7.91 3.64
N PHE C 215 -13.23 -8.79 4.29
CA PHE C 215 -13.21 -8.92 5.73
C PHE C 215 -12.42 -10.13 6.22
N GLU C 216 -11.77 -10.86 5.32
CA GLU C 216 -10.92 -11.96 5.77
C GLU C 216 -9.73 -11.41 6.54
N GLY C 217 -9.32 -12.12 7.58
CA GLY C 217 -8.34 -11.61 8.50
C GLY C 217 -8.92 -10.84 9.67
N VAL C 218 -10.26 -10.82 9.80
CA VAL C 218 -10.89 -10.21 10.96
C VAL C 218 -10.69 -11.10 12.17
N THR C 219 -10.70 -10.50 13.36
CA THR C 219 -10.40 -11.24 14.58
C THR C 219 -11.49 -12.27 14.88
N ALA C 220 -12.75 -11.87 14.86
CA ALA C 220 -13.84 -12.77 15.16
C ALA C 220 -15.11 -12.26 14.49
N ILE C 221 -16.17 -13.05 14.60
CA ILE C 221 -17.45 -12.76 13.98
C ILE C 221 -18.54 -12.90 15.04
N ILE C 222 -19.46 -11.95 15.08
CA ILE C 222 -20.59 -11.97 16.00
C ILE C 222 -21.85 -12.23 15.20
N PHE C 223 -22.58 -13.27 15.57
CA PHE C 223 -23.80 -13.68 14.89
C PHE C 223 -24.96 -13.60 15.87
N CYS C 224 -26.00 -12.85 15.50
CA CYS C 224 -27.15 -12.62 16.37
C CYS C 224 -28.35 -13.38 15.84
N VAL C 225 -28.95 -14.20 16.70
CA VAL C 225 -30.11 -14.99 16.33
C VAL C 225 -31.17 -14.79 17.41
N ALA C 226 -32.35 -14.33 17.01
CA ALA C 226 -33.44 -14.12 17.96
C ALA C 226 -34.10 -15.46 18.27
N LEU C 227 -34.16 -15.81 19.55
CA LEU C 227 -34.67 -17.12 19.93
C LEU C 227 -36.17 -17.24 19.71
N SER C 228 -36.89 -16.12 19.72
CA SER C 228 -38.34 -16.13 19.62
C SER C 228 -38.84 -16.17 18.18
N ASP C 229 -37.98 -16.39 17.21
CA ASP C 229 -38.40 -16.37 15.82
C ASP C 229 -38.73 -17.72 15.37
N TYR C 230 -39.25 -18.57 16.23
CA TYR C 230 -39.45 -19.91 15.79
C TYR C 230 -40.74 -19.92 15.04
N ASP C 231 -41.82 -19.48 15.65
CA ASP C 231 -43.12 -19.50 15.01
C ASP C 231 -43.21 -18.49 13.88
N LEU C 232 -42.53 -17.37 14.00
CA LEU C 232 -42.68 -16.29 13.01
C LEU C 232 -42.40 -16.71 11.56
N VAL C 233 -42.97 -15.99 10.59
CA VAL C 233 -42.71 -16.30 9.19
C VAL C 233 -42.66 -15.02 8.37
N ASN C 241 -39.77 -20.58 9.92
CA ASN C 241 -39.41 -19.94 8.66
C ASN C 241 -38.24 -18.99 8.84
N ARG C 242 -38.42 -17.97 9.67
CA ARG C 242 -37.35 -17.02 9.93
C ARG C 242 -36.14 -17.72 10.57
N MET C 243 -36.41 -18.64 11.50
CA MET C 243 -35.33 -19.39 12.12
C MET C 243 -34.60 -20.24 11.10
N HIS C 244 -35.33 -20.82 10.14
CA HIS C 244 -34.69 -21.58 9.07
C HIS C 244 -33.81 -20.69 8.21
N GLU C 245 -34.27 -19.47 7.92
CA GLU C 245 -33.47 -18.52 7.15
C GLU C 245 -32.17 -18.20 7.91
N SER C 246 -32.23 -18.11 9.23
CA SER C 246 -31.02 -17.89 10.00
C SER C 246 -30.09 -19.05 10.06
N MET C 247 -30.60 -20.26 10.01
CA MET C 247 -29.76 -21.44 10.04
C MET C 247 -29.13 -21.57 8.72
N LYS C 248 -29.79 -21.12 7.70
CA LYS C 248 -29.14 -21.18 6.40
C LYS C 248 -28.03 -20.12 6.30
N LEU C 249 -28.30 -18.91 6.80
CA LEU C 249 -27.28 -17.86 6.75
C LEU C 249 -26.07 -18.21 7.62
N PHE C 250 -26.31 -18.77 8.80
CA PHE C 250 -25.21 -19.21 9.65
C PHE C 250 -24.40 -20.31 8.96
N ASP C 251 -25.07 -21.27 8.34
CA ASP C 251 -24.39 -22.36 7.67
C ASP C 251 -23.54 -21.82 6.52
N SER C 252 -24.06 -20.85 5.77
CA SER C 252 -23.30 -20.29 4.66
C SER C 252 -22.08 -19.50 5.15
N ILE C 253 -22.17 -18.66 6.18
CA ILE C 253 -20.97 -17.87 6.57
C ILE C 253 -20.00 -18.69 7.38
N CYS C 254 -20.49 -19.66 8.14
CA CYS C 254 -19.53 -20.41 8.95
C CYS C 254 -18.62 -21.26 8.09
N ASN C 255 -19.12 -21.80 6.98
CA ASN C 255 -18.38 -22.69 6.12
C ASN C 255 -17.79 -21.99 4.90
N ASN C 256 -17.38 -20.73 5.06
CA ASN C 256 -16.86 -19.96 3.95
C ASN C 256 -15.43 -20.38 3.61
N LYS C 257 -14.97 -19.99 2.43
CA LYS C 257 -13.60 -20.22 2.04
C LYS C 257 -12.64 -19.26 2.72
N TRP C 258 -13.07 -18.06 3.02
CA TRP C 258 -12.22 -17.06 3.57
C TRP C 258 -12.19 -17.13 5.02
N PHE C 259 -13.29 -17.43 5.63
CA PHE C 259 -13.40 -17.55 7.04
C PHE C 259 -13.24 -18.99 7.38
N THR C 260 -12.04 -19.51 7.43
CA THR C 260 -11.81 -20.93 7.69
C THR C 260 -11.11 -21.14 8.99
N ASP C 261 -10.83 -20.08 9.69
CA ASP C 261 -10.13 -20.16 10.90
C ASP C 261 -10.50 -19.07 11.86
N THR C 262 -11.59 -18.35 11.61
CA THR C 262 -12.04 -17.23 12.43
C THR C 262 -12.99 -17.91 13.30
N SER C 263 -13.22 -17.33 14.46
CA SER C 263 -14.05 -17.93 15.41
C SER C 263 -15.30 -17.20 15.41
N ILE C 264 -16.32 -17.83 15.87
CA ILE C 264 -17.66 -17.27 15.81
C ILE C 264 -18.22 -17.18 17.23
N ILE C 265 -18.72 -16.01 17.59
CA ILE C 265 -19.41 -15.78 18.85
C ILE C 265 -20.89 -15.68 18.54
N LEU C 266 -21.68 -16.57 19.12
CA LEU C 266 -23.09 -16.72 18.78
C LEU C 266 -23.93 -16.14 19.92
N PHE C 267 -24.84 -15.24 19.57
CA PHE C 267 -25.73 -14.61 20.55
C PHE C 267 -27.16 -15.03 20.25
N LEU C 268 -27.84 -15.56 21.25
CA LEU C 268 -29.23 -16.01 21.11
C LEU C 268 -30.09 -15.06 21.93
N ASN C 269 -30.56 -13.99 21.27
CA ASN C 269 -31.23 -12.89 21.94
C ASN C 269 -32.68 -13.24 22.27
N LYS C 270 -33.32 -12.33 23.00
CA LYS C 270 -34.74 -12.42 23.35
C LYS C 270 -35.08 -13.72 24.08
N LYS C 271 -34.19 -14.14 24.98
CA LYS C 271 -34.45 -15.34 25.77
C LYS C 271 -35.60 -15.14 26.75
N ASP C 272 -35.99 -13.88 27.02
CA ASP C 272 -37.07 -13.61 27.96
C ASP C 272 -38.43 -13.71 27.28
N LEU C 273 -38.63 -12.95 26.19
CA LEU C 273 -39.88 -13.02 25.45
C LEU C 273 -40.10 -14.40 24.84
N PHE C 274 -39.01 -15.14 24.62
CA PHE C 274 -39.13 -16.49 24.09
C PHE C 274 -39.87 -17.41 25.06
N GLU C 275 -39.80 -17.13 26.36
CA GLU C 275 -40.49 -17.95 27.35
C GLU C 275 -42.00 -17.83 27.23
N GLU C 276 -42.52 -16.62 27.00
CA GLU C 276 -43.96 -16.43 26.97
C GLU C 276 -44.64 -17.17 25.82
N LYS C 277 -43.87 -17.64 24.83
CA LYS C 277 -44.45 -18.28 23.65
C LYS C 277 -44.41 -19.80 23.72
N ILE C 278 -43.34 -20.40 24.21
CA ILE C 278 -43.19 -21.85 24.09
C ILE C 278 -44.22 -22.57 24.94
N LYS C 279 -44.58 -22.01 26.09
CA LYS C 279 -45.57 -22.67 26.95
C LYS C 279 -46.95 -22.72 26.29
N LYS C 280 -47.21 -21.85 25.32
CA LYS C 280 -48.45 -21.88 24.55
C LYS C 280 -48.21 -22.22 23.08
N SER C 281 -47.00 -22.64 22.73
CA SER C 281 -46.65 -23.02 21.37
C SER C 281 -45.49 -24.00 21.39
N PRO C 282 -45.76 -25.29 21.24
CA PRO C 282 -44.67 -26.29 21.29
C PRO C 282 -43.70 -26.11 20.13
N LEU C 283 -42.46 -26.56 20.35
CA LEU C 283 -41.41 -26.38 19.37
C LEU C 283 -41.65 -27.17 18.08
N THR C 284 -42.62 -28.08 18.07
CA THR C 284 -42.86 -28.87 16.87
C THR C 284 -43.31 -28.02 15.69
N ILE C 285 -43.88 -26.83 15.95
CA ILE C 285 -44.26 -25.93 14.86
C ILE C 285 -43.04 -25.35 14.15
N CYS C 286 -41.86 -25.45 14.75
CA CYS C 286 -40.61 -25.02 14.14
C CYS C 286 -39.69 -26.18 13.84
N TYR C 287 -39.39 -27.01 14.84
CA TYR C 287 -38.56 -28.20 14.65
C TYR C 287 -39.45 -29.43 14.71
N PRO C 288 -39.75 -30.08 13.58
CA PRO C 288 -40.72 -31.19 13.62
C PRO C 288 -40.20 -32.43 14.33
N GLU C 289 -38.94 -32.80 14.09
CA GLU C 289 -38.38 -34.01 14.66
C GLU C 289 -37.89 -33.83 16.09
N TYR C 290 -38.38 -32.81 16.79
CA TYR C 290 -37.95 -32.55 18.16
C TYR C 290 -38.53 -33.61 19.09
N ALA C 291 -37.65 -34.41 19.69
CA ALA C 291 -38.04 -35.44 20.64
C ALA C 291 -37.64 -34.97 22.03
N GLY C 292 -38.53 -34.22 22.67
CA GLY C 292 -38.25 -33.68 23.98
C GLY C 292 -39.47 -33.05 24.59
N SER C 293 -39.23 -32.34 25.70
CA SER C 293 -40.30 -31.67 26.43
C SER C 293 -40.48 -30.24 25.92
N ASN C 294 -41.60 -29.64 26.33
CA ASN C 294 -41.88 -28.24 26.04
C ASN C 294 -41.53 -27.39 27.25
N THR C 295 -40.24 -27.35 27.57
CA THR C 295 -39.75 -26.58 28.71
C THR C 295 -38.51 -25.80 28.30
N TYR C 296 -38.27 -24.71 29.05
CA TYR C 296 -37.13 -23.85 28.77
C TYR C 296 -35.81 -24.60 28.92
N GLU C 297 -35.68 -25.41 29.96
CA GLU C 297 -34.40 -26.05 30.27
C GLU C 297 -33.89 -26.88 29.12
N GLU C 298 -34.78 -27.43 28.29
CA GLU C 298 -34.38 -28.31 27.19
C GLU C 298 -34.58 -27.71 25.82
N ALA C 299 -35.65 -26.94 25.60
CA ALA C 299 -35.87 -26.33 24.29
C ALA C 299 -34.78 -25.32 23.96
N ALA C 300 -34.21 -24.66 24.97
CA ALA C 300 -33.13 -23.72 24.74
C ALA C 300 -31.82 -24.39 24.43
N ALA C 301 -31.58 -25.60 24.95
CA ALA C 301 -30.37 -26.35 24.65
C ALA C 301 -30.50 -27.15 23.36
N TYR C 302 -31.69 -27.25 22.79
CA TYR C 302 -31.85 -27.95 21.52
C TYR C 302 -31.59 -27.06 20.32
N ILE C 303 -31.79 -25.75 20.45
CA ILE C 303 -31.44 -24.85 19.36
C ILE C 303 -29.95 -24.56 19.37
N GLN C 304 -29.33 -24.49 20.54
CA GLN C 304 -27.90 -24.29 20.62
C GLN C 304 -27.15 -25.43 19.95
N CYS C 305 -27.61 -26.67 20.15
CA CYS C 305 -26.95 -27.80 19.53
C CYS C 305 -27.25 -27.91 18.04
N GLN C 306 -28.45 -27.51 17.61
CA GLN C 306 -28.74 -27.50 16.18
C GLN C 306 -28.07 -26.34 15.45
N PHE C 307 -27.54 -25.36 16.18
CA PHE C 307 -26.75 -24.31 15.55
C PHE C 307 -25.26 -24.61 15.57
N GLU C 308 -24.76 -25.20 16.66
CA GLU C 308 -23.35 -25.53 16.75
C GLU C 308 -22.99 -26.81 15.99
N ASP C 309 -23.98 -27.54 15.49
CA ASP C 309 -23.74 -28.74 14.71
C ASP C 309 -23.55 -28.46 13.22
N LEU C 310 -23.91 -27.27 12.75
CA LEU C 310 -23.73 -26.93 11.35
C LEU C 310 -22.27 -26.77 10.96
N ASN C 311 -21.37 -26.68 11.93
CA ASN C 311 -19.94 -26.60 11.64
C ASN C 311 -19.49 -27.88 10.94
N LYS C 312 -18.59 -27.71 9.97
CA LYS C 312 -18.00 -28.84 9.26
C LYS C 312 -16.52 -28.99 9.48
N ARG C 313 -15.79 -27.90 9.70
CA ARG C 313 -14.36 -27.97 10.00
C ARG C 313 -14.34 -28.00 11.50
N LYS C 314 -14.90 -29.04 12.12
CA LYS C 314 -15.03 -29.08 13.58
C LYS C 314 -13.88 -28.56 14.44
N ASP C 315 -12.64 -28.75 14.02
CA ASP C 315 -11.48 -28.38 14.85
C ASP C 315 -10.79 -27.03 14.79
N THR C 316 -10.77 -26.37 13.63
CA THR C 316 -10.04 -25.13 13.50
C THR C 316 -10.84 -23.94 13.99
N LYS C 317 -12.12 -24.11 14.28
CA LYS C 317 -12.95 -23.02 14.66
C LYS C 317 -13.76 -23.33 15.87
N GLU C 318 -13.64 -22.56 16.95
CA GLU C 318 -14.56 -22.77 18.05
C GLU C 318 -15.76 -21.83 17.93
N ILE C 319 -16.85 -22.22 18.56
CA ILE C 319 -18.09 -21.44 18.57
C ILE C 319 -18.48 -21.20 20.01
N TYR C 320 -18.49 -19.94 20.44
CA TYR C 320 -18.87 -19.54 21.78
C TYR C 320 -20.30 -19.01 21.73
N THR C 321 -21.22 -19.70 22.38
CA THR C 321 -22.62 -19.33 22.33
C THR C 321 -23.06 -18.83 23.71
N HIS C 322 -23.62 -17.63 23.74
CA HIS C 322 -24.10 -16.99 24.95
C HIS C 322 -25.61 -16.76 24.83
N PHE C 323 -26.30 -16.77 25.96
CA PHE C 323 -27.75 -16.59 26.00
C PHE C 323 -28.04 -15.19 26.51
N THR C 324 -28.36 -14.26 25.64
CA THR C 324 -28.57 -12.86 26.03
C THR C 324 -30.02 -12.57 26.37
N CYS C 325 -30.28 -11.56 27.18
CA CYS C 325 -31.67 -11.24 27.61
C CYS C 325 -32.08 -9.77 27.69
N ALA C 326 -31.59 -8.90 26.79
CA ALA C 326 -31.89 -7.45 26.76
C ALA C 326 -31.30 -6.59 27.88
N THR C 327 -31.51 -6.99 29.13
CA THR C 327 -30.92 -6.27 30.24
C THR C 327 -29.92 -7.18 30.86
N ASP C 328 -29.04 -7.76 30.06
CA ASP C 328 -28.13 -8.76 30.58
C ASP C 328 -26.89 -8.19 31.22
N THR C 329 -26.57 -6.92 30.96
CA THR C 329 -25.44 -6.25 31.61
C THR C 329 -24.03 -6.91 31.62
N LYS C 330 -23.79 -7.97 30.85
CA LYS C 330 -22.51 -8.65 30.88
C LYS C 330 -22.08 -9.28 29.57
N ASN C 331 -22.64 -8.87 28.44
CA ASN C 331 -22.24 -9.40 27.15
C ASN C 331 -20.83 -8.97 26.76
N VAL C 332 -20.46 -7.73 27.11
CA VAL C 332 -19.15 -7.22 26.73
C VAL C 332 -18.04 -8.01 27.41
N GLN C 333 -18.27 -8.43 28.65
CA GLN C 333 -17.31 -9.30 29.32
C GLN C 333 -17.16 -10.63 28.60
N PHE C 334 -18.28 -11.22 28.17
CA PHE C 334 -18.21 -12.49 27.45
C PHE C 334 -17.44 -12.33 26.15
N VAL C 335 -17.65 -11.23 25.44
CA VAL C 335 -16.85 -10.97 24.24
C VAL C 335 -15.37 -10.82 24.60
N PHE C 336 -15.09 -10.20 25.74
CA PHE C 336 -13.70 -9.99 26.14
C PHE C 336 -12.98 -11.32 26.36
N ASP C 337 -13.55 -12.20 27.19
CA ASP C 337 -12.88 -13.48 27.39
C ASP C 337 -13.25 -14.52 26.33
N ALA C 338 -13.95 -14.13 25.27
CA ALA C 338 -13.97 -14.95 24.06
C ALA C 338 -12.87 -14.56 23.10
N VAL C 339 -12.49 -13.28 23.04
CA VAL C 339 -11.41 -12.86 22.18
C VAL C 339 -10.04 -12.99 22.84
N THR C 340 -9.98 -13.09 24.16
CA THR C 340 -8.70 -13.34 24.81
C THR C 340 -8.11 -14.69 24.38
N ASP C 341 -8.96 -15.72 24.27
CA ASP C 341 -8.48 -17.02 23.82
C ASP C 341 -8.04 -16.98 22.36
N VAL C 342 -8.73 -16.19 21.53
CA VAL C 342 -8.32 -16.03 20.15
C VAL C 342 -6.96 -15.35 20.07
N ILE C 343 -6.74 -14.32 20.90
CA ILE C 343 -5.45 -13.65 20.95
C ILE C 343 -4.36 -14.62 21.38
N ILE C 344 -4.64 -15.45 22.39
CA ILE C 344 -3.66 -16.43 22.85
C ILE C 344 -3.32 -17.41 21.75
N LYS C 345 -4.34 -17.93 21.05
CA LYS C 345 -4.10 -18.88 19.98
C LYS C 345 -3.29 -18.26 18.84
N ASN C 346 -3.58 -17.00 18.51
CA ASN C 346 -2.82 -16.31 17.48
C ASN C 346 -1.41 -15.98 17.93
N ASN C 347 -1.17 -15.88 19.24
CA ASN C 347 0.19 -15.71 19.74
C ASN C 347 0.99 -17.00 19.63
N LEU C 348 0.33 -18.14 19.79
CA LEU C 348 0.97 -19.45 19.63
C LEU C 348 1.31 -19.75 18.18
N LYS C 349 0.82 -18.95 17.23
CA LYS C 349 1.16 -19.08 15.82
C LYS C 349 2.25 -18.10 15.40
N ASP C 350 2.21 -16.87 15.91
CA ASP C 350 3.24 -15.89 15.59
C ASP C 350 4.60 -16.31 16.11
N CYS C 351 4.66 -17.21 17.09
CA CYS C 351 5.89 -17.84 17.53
C CYS C 351 6.10 -19.20 16.92
N GLY C 352 5.20 -19.64 16.03
CA GLY C 352 5.34 -20.91 15.36
C GLY C 352 5.33 -22.12 16.27
N LEU C 353 4.76 -22.00 17.46
CA LEU C 353 4.90 -23.04 18.48
C LEU C 353 4.06 -24.27 18.12
N ASP D 23 -49.57 -11.60 -19.21
CA ASP D 23 -48.61 -11.43 -20.30
C ASP D 23 -49.29 -10.89 -21.56
N GLN D 24 -49.56 -9.58 -21.57
CA GLN D 24 -50.16 -8.96 -22.74
C GLN D 24 -49.17 -8.91 -23.91
N LEU D 25 -47.90 -8.60 -23.63
CA LEU D 25 -46.92 -8.44 -24.68
C LEU D 25 -45.58 -9.08 -24.37
N ARG D 26 -45.45 -9.80 -23.24
CA ARG D 26 -44.21 -10.50 -22.95
C ARG D 26 -43.91 -11.62 -23.92
N GLN D 27 -44.89 -12.03 -24.74
CA GLN D 27 -44.71 -13.07 -25.72
C GLN D 27 -44.02 -12.60 -27.00
N GLU D 28 -43.92 -11.29 -27.21
CA GLU D 28 -43.28 -10.76 -28.41
C GLU D 28 -41.86 -10.28 -28.17
N ALA D 29 -41.46 -10.07 -26.91
CA ALA D 29 -40.06 -9.77 -26.63
C ALA D 29 -39.15 -10.93 -27.01
N GLU D 30 -39.61 -12.16 -26.77
CA GLU D 30 -38.83 -13.33 -27.15
C GLU D 30 -38.67 -13.41 -28.67
N GLN D 31 -39.74 -13.10 -29.41
CA GLN D 31 -39.64 -13.15 -30.87
C GLN D 31 -38.77 -12.01 -31.39
N LEU D 32 -38.83 -10.84 -30.74
CA LEU D 32 -37.90 -9.76 -31.10
C LEU D 32 -36.46 -10.18 -30.88
N LYS D 33 -36.17 -10.84 -29.76
CA LYS D 33 -34.82 -11.29 -29.48
C LYS D 33 -34.38 -12.35 -30.50
N ASN D 34 -35.29 -13.25 -30.88
CA ASN D 34 -34.98 -14.21 -31.93
C ASN D 34 -34.80 -13.55 -33.29
N GLN D 35 -35.38 -12.36 -33.49
CA GLN D 35 -35.25 -11.66 -34.76
C GLN D 35 -33.87 -11.05 -34.94
N ILE D 36 -33.23 -10.63 -33.85
CA ILE D 36 -31.87 -10.07 -33.95
C ILE D 36 -30.79 -11.14 -33.94
N ARG D 37 -31.14 -12.38 -33.58
CA ARG D 37 -30.16 -13.46 -33.64
C ARG D 37 -29.75 -13.75 -35.07
N ASP D 38 -30.75 -13.89 -35.90
CA ASP D 38 -30.49 -14.20 -37.28
C ASP D 38 -29.91 -13.06 -38.08
N ALA D 39 -29.75 -11.92 -37.46
CA ALA D 39 -29.14 -10.80 -38.13
C ALA D 39 -27.71 -10.69 -37.75
N ARG D 40 -27.34 -11.13 -36.58
CA ARG D 40 -25.98 -11.08 -36.24
C ARG D 40 -25.39 -12.41 -36.74
N LYS D 41 -26.13 -13.18 -37.51
CA LYS D 41 -25.65 -14.48 -37.97
C LYS D 41 -25.77 -14.55 -39.43
N ALA D 42 -25.82 -13.39 -40.04
CA ALA D 42 -25.89 -13.33 -41.43
C ALA D 42 -24.99 -12.21 -41.66
N CYS D 43 -23.98 -12.09 -40.81
CA CYS D 43 -22.98 -11.09 -41.00
C CYS D 43 -21.77 -11.90 -40.60
N ALA D 44 -21.89 -13.22 -40.60
CA ALA D 44 -20.77 -14.06 -40.27
C ALA D 44 -20.39 -14.95 -41.42
N ASP D 45 -19.92 -14.36 -42.51
CA ASP D 45 -19.36 -15.13 -43.62
C ASP D 45 -18.02 -15.75 -43.26
N ALA D 46 -17.17 -15.00 -42.58
CA ALA D 46 -15.84 -15.49 -42.22
C ALA D 46 -15.58 -15.38 -40.73
N THR D 47 -14.35 -15.64 -40.31
CA THR D 47 -13.98 -15.61 -38.91
C THR D 47 -12.65 -14.87 -38.78
N LEU D 48 -12.35 -14.42 -37.56
CA LEU D 48 -11.06 -13.77 -37.32
C LEU D 48 -9.91 -14.73 -37.55
N SER D 49 -10.06 -15.99 -37.13
CA SER D 49 -9.00 -16.97 -37.36
C SER D 49 -8.82 -17.24 -38.85
N GLN D 50 -9.91 -17.37 -39.60
CA GLN D 50 -9.79 -17.64 -41.03
C GLN D 50 -9.14 -16.49 -41.79
N ILE D 51 -9.01 -15.32 -41.18
CA ILE D 51 -8.36 -14.18 -41.80
C ILE D 51 -6.92 -14.02 -41.32
N THR D 52 -6.69 -14.19 -40.02
CA THR D 52 -5.36 -14.05 -39.45
C THR D 52 -4.63 -15.38 -39.32
N ASN D 53 -5.04 -16.38 -40.10
CA ASN D 53 -4.38 -17.69 -40.04
C ASN D 53 -2.89 -17.59 -40.35
N ASN D 54 -2.54 -16.88 -41.41
CA ASN D 54 -1.14 -16.78 -41.81
C ASN D 54 -0.44 -15.57 -41.23
N ILE D 55 -1.01 -14.98 -40.20
CA ILE D 55 -0.36 -13.84 -39.55
C ILE D 55 0.95 -14.30 -38.92
N ASP D 56 1.97 -13.46 -39.00
CA ASP D 56 3.26 -13.81 -38.42
C ASP D 56 3.12 -14.08 -36.92
N PRO D 57 3.83 -15.12 -36.37
CA PRO D 57 3.63 -15.27 -34.92
C PRO D 57 4.19 -14.09 -34.17
N VAL D 58 3.72 -13.87 -32.94
CA VAL D 58 4.18 -12.72 -32.16
C VAL D 58 5.50 -13.00 -31.45
N GLY D 59 6.03 -14.21 -31.61
CA GLY D 59 7.27 -14.56 -30.94
C GLY D 59 7.04 -14.98 -29.50
N ARG D 60 8.12 -14.91 -28.72
CA ARG D 60 8.10 -15.26 -27.30
C ARG D 60 8.39 -13.99 -26.51
N ILE D 61 7.36 -13.43 -25.91
CA ILE D 61 7.49 -12.21 -25.13
C ILE D 61 8.09 -12.55 -23.77
N GLN D 62 9.17 -11.87 -23.42
CA GLN D 62 9.84 -12.05 -22.13
C GLN D 62 9.97 -10.68 -21.46
N MET D 63 9.26 -10.48 -20.36
CA MET D 63 9.33 -9.25 -19.58
C MET D 63 10.02 -9.53 -18.25
N ARG D 64 10.83 -8.57 -17.81
CA ARG D 64 11.55 -8.66 -16.55
C ARG D 64 11.13 -7.49 -15.66
N THR D 65 11.09 -7.75 -14.35
CA THR D 65 10.69 -6.74 -13.39
C THR D 65 11.78 -5.68 -13.27
N ARG D 66 11.40 -4.42 -13.45
CA ARG D 66 12.36 -3.31 -13.37
C ARG D 66 12.26 -2.55 -12.06
N ARG D 67 11.07 -2.43 -11.48
CA ARG D 67 10.88 -1.71 -10.24
C ARG D 67 9.98 -2.51 -9.32
N THR D 68 10.05 -2.24 -8.02
CA THR D 68 9.17 -2.85 -7.05
C THR D 68 8.84 -1.80 -6.05
N LEU D 69 7.56 -1.46 -5.93
CA LEU D 69 7.15 -0.38 -5.04
C LEU D 69 6.66 -0.93 -3.71
N ARG D 70 7.41 -0.69 -2.66
CA ARG D 70 7.08 -1.22 -1.35
C ARG D 70 6.41 -0.23 -0.45
N GLY D 71 5.34 -0.65 0.20
CA GLY D 71 4.56 0.24 1.05
C GLY D 71 3.21 -0.41 1.10
N HIS D 72 2.17 0.35 1.49
CA HIS D 72 0.80 -0.15 1.54
C HIS D 72 0.51 -1.46 2.24
N LEU D 73 0.70 -1.55 3.52
CA LEU D 73 0.87 -2.78 4.31
C LEU D 73 -0.17 -3.82 3.91
N ALA D 74 -1.40 -3.41 3.64
CA ALA D 74 -2.47 -4.35 3.35
C ALA D 74 -2.67 -4.60 1.87
N LYS D 75 -3.56 -5.53 1.53
CA LYS D 75 -3.88 -5.82 0.14
C LYS D 75 -4.21 -4.66 -0.77
N ILE D 76 -3.77 -4.69 -2.03
CA ILE D 76 -3.97 -3.59 -2.96
C ILE D 76 -5.14 -3.93 -3.85
N TYR D 77 -6.08 -3.00 -3.97
CA TYR D 77 -7.32 -3.25 -4.71
C TYR D 77 -7.42 -2.50 -6.03
N ALA D 78 -6.80 -1.34 -6.15
CA ALA D 78 -6.94 -0.53 -7.36
C ALA D 78 -5.63 0.21 -7.64
N MET D 79 -5.43 0.56 -8.91
CA MET D 79 -4.25 1.29 -9.39
C MET D 79 -4.59 1.98 -10.69
N HIS D 80 -4.00 3.13 -10.96
CA HIS D 80 -4.24 3.86 -12.21
C HIS D 80 -3.01 4.69 -12.58
N TRP D 81 -2.70 4.75 -13.87
CA TRP D 81 -1.56 5.50 -14.39
C TRP D 81 -1.95 6.95 -14.66
N GLY D 82 -0.98 7.85 -14.46
CA GLY D 82 -1.15 9.21 -14.89
C GLY D 82 -0.91 9.38 -16.38
N THR D 83 -1.39 10.49 -16.92
CA THR D 83 -1.30 10.76 -18.34
C THR D 83 0.14 10.97 -18.82
N ASP D 84 1.01 11.53 -17.98
CA ASP D 84 2.41 11.73 -18.35
C ASP D 84 3.23 10.45 -18.31
N SER D 85 2.61 9.31 -17.99
CA SER D 85 3.26 8.00 -17.99
C SER D 85 4.42 7.94 -17.00
N ARG D 86 4.34 8.71 -15.93
CA ARG D 86 5.38 8.65 -14.91
C ARG D 86 4.81 8.47 -13.51
N LEU D 87 3.68 9.09 -13.20
CA LEU D 87 3.06 8.99 -11.89
C LEU D 87 1.88 8.03 -11.94
N LEU D 88 1.72 7.25 -10.88
CA LEU D 88 0.58 6.37 -10.73
C LEU D 88 0.08 6.45 -9.30
N VAL D 89 -1.18 6.10 -9.10
CA VAL D 89 -1.82 6.10 -7.78
C VAL D 89 -2.31 4.69 -7.49
N SER D 90 -2.18 4.26 -6.25
CA SER D 90 -2.66 2.96 -5.81
C SER D 90 -3.46 3.12 -4.52
N ALA D 91 -4.44 2.23 -4.34
CA ALA D 91 -5.32 2.24 -3.20
C ALA D 91 -5.19 0.93 -2.44
N SER D 92 -5.19 1.01 -1.12
CA SER D 92 -5.03 -0.17 -0.28
C SER D 92 -6.05 -0.13 0.84
N GLN D 93 -6.27 -1.28 1.46
CA GLN D 93 -7.30 -1.43 2.47
C GLN D 93 -6.83 -1.05 3.86
N ASP D 94 -5.61 -0.52 3.99
CA ASP D 94 -5.20 0.13 5.23
C ASP D 94 -5.65 1.59 5.30
N GLY D 95 -6.33 2.08 4.27
CA GLY D 95 -6.90 3.41 4.29
C GLY D 95 -5.95 4.48 3.82
N LYS D 96 -5.15 4.18 2.81
CA LYS D 96 -4.15 5.11 2.29
C LYS D 96 -4.21 5.18 0.78
N LEU D 97 -3.94 6.37 0.26
CA LEU D 97 -3.72 6.60 -1.17
C LEU D 97 -2.30 7.11 -1.34
N ILE D 98 -1.50 6.42 -2.14
CA ILE D 98 -0.11 6.78 -2.35
C ILE D 98 0.10 7.10 -3.82
N ILE D 99 0.72 8.25 -4.10
CA ILE D 99 1.13 8.64 -5.44
C ILE D 99 2.63 8.43 -5.56
N TRP D 100 3.05 7.63 -6.54
CA TRP D 100 4.45 7.27 -6.69
C TRP D 100 5.05 7.89 -7.94
N ASP D 101 6.34 8.16 -7.87
CA ASP D 101 7.15 8.52 -9.03
C ASP D 101 7.89 7.25 -9.48
N SER D 102 7.44 6.67 -10.59
CA SER D 102 7.90 5.33 -10.94
C SER D 102 9.35 5.30 -11.42
N TYR D 103 9.87 6.40 -11.96
CA TYR D 103 11.24 6.39 -12.44
C TYR D 103 12.25 6.27 -11.31
N THR D 104 11.93 6.85 -10.15
CA THR D 104 12.85 6.88 -9.03
C THR D 104 12.32 6.17 -7.79
N THR D 105 11.13 5.58 -7.85
CA THR D 105 10.49 4.87 -6.76
C THR D 105 10.18 5.78 -5.56
N ASN D 106 10.23 7.09 -5.76
CA ASN D 106 9.91 8.01 -4.69
C ASN D 106 8.41 8.08 -4.44
N LYS D 107 8.04 8.45 -3.22
CA LYS D 107 6.65 8.72 -2.87
C LYS D 107 6.40 10.21 -2.88
N VAL D 108 5.38 10.64 -3.61
CA VAL D 108 5.08 12.06 -3.71
C VAL D 108 4.06 12.49 -2.66
N HIS D 109 2.94 11.78 -2.57
CA HIS D 109 1.89 12.08 -1.61
C HIS D 109 1.44 10.80 -0.92
N ALA D 110 0.89 10.95 0.27
CA ALA D 110 0.21 9.88 0.99
C ALA D 110 -1.07 10.46 1.56
N ILE D 111 -2.22 10.01 1.06
CA ILE D 111 -3.52 10.60 1.36
C ILE D 111 -4.27 9.66 2.30
N PRO D 112 -4.55 10.08 3.54
CA PRO D 112 -5.35 9.24 4.42
C PRO D 112 -6.84 9.34 4.12
N LEU D 113 -7.51 8.19 4.11
CA LEU D 113 -8.91 8.10 3.73
C LEU D 113 -9.80 8.09 4.97
N ARG D 114 -11.01 8.63 4.82
CA ARG D 114 -11.95 8.65 5.92
C ARG D 114 -12.54 7.27 6.18
N SER D 115 -12.62 6.43 5.15
CA SER D 115 -13.08 5.05 5.30
C SER D 115 -12.07 4.13 4.63
N SER D 116 -11.74 3.03 5.29
CA SER D 116 -10.66 2.16 4.86
C SER D 116 -11.11 1.06 3.90
N TRP D 117 -12.39 1.03 3.52
CA TRP D 117 -12.91 0.02 2.62
C TRP D 117 -13.04 0.65 1.23
N VAL D 118 -11.97 0.55 0.46
CA VAL D 118 -11.84 1.24 -0.82
C VAL D 118 -11.62 0.21 -1.91
N MET D 119 -12.22 0.38 -3.06
CA MET D 119 -12.08 -0.48 -4.19
C MET D 119 -11.91 0.24 -5.47
N THR D 120 -11.64 1.53 -5.52
CA THR D 120 -11.55 2.20 -6.80
C THR D 120 -10.70 3.43 -6.75
N CYS D 121 -9.77 3.59 -7.67
CA CYS D 121 -9.07 4.85 -7.84
C CYS D 121 -8.90 5.30 -9.28
N ALA D 122 -9.06 6.59 -9.52
CA ALA D 122 -8.79 7.22 -10.80
C ALA D 122 -7.97 8.46 -10.70
N TYR D 123 -7.08 8.68 -11.66
CA TYR D 123 -6.26 9.87 -11.75
C TYR D 123 -6.75 10.62 -12.94
N ALA D 124 -7.08 11.88 -12.76
CA ALA D 124 -7.57 12.73 -13.83
C ALA D 124 -6.63 12.97 -14.93
N PRO D 125 -7.18 13.26 -16.10
CA PRO D 125 -6.32 13.47 -17.27
C PRO D 125 -5.44 14.70 -17.15
N SER D 126 -5.91 15.75 -16.48
CA SER D 126 -5.09 16.94 -16.27
C SER D 126 -4.03 16.75 -15.19
N GLY D 127 -4.30 15.90 -14.20
CA GLY D 127 -3.38 15.64 -13.14
C GLY D 127 -3.61 16.42 -11.86
N ASN D 128 -4.77 17.07 -11.72
CA ASN D 128 -5.05 17.90 -10.57
C ASN D 128 -5.87 17.21 -9.49
N TYR D 129 -6.58 16.13 -9.82
CA TYR D 129 -7.46 15.47 -8.87
C TYR D 129 -7.28 13.96 -8.94
N VAL D 130 -7.64 13.29 -7.84
CA VAL D 130 -7.81 11.86 -7.80
C VAL D 130 -9.13 11.55 -7.11
N ALA D 131 -9.67 10.37 -7.40
CA ALA D 131 -10.96 9.94 -6.89
C ALA D 131 -10.83 8.62 -6.14
N CYS D 132 -11.81 8.34 -5.29
CA CYS D 132 -11.80 7.14 -4.46
C CYS D 132 -13.22 6.70 -4.18
N GLY D 133 -13.37 5.44 -3.78
CA GLY D 133 -14.69 4.93 -3.44
C GLY D 133 -14.60 3.48 -2.98
N GLY D 134 -15.69 3.03 -2.36
CA GLY D 134 -15.73 1.68 -1.84
C GLY D 134 -17.06 1.30 -1.19
N LEU D 135 -16.99 0.65 -0.04
CA LEU D 135 -18.17 0.12 0.66
C LEU D 135 -18.96 1.19 1.41
N ASP D 136 -18.57 2.46 1.32
CA ASP D 136 -19.35 3.54 1.92
C ASP D 136 -20.32 4.20 0.95
N ASN D 137 -20.39 3.74 -0.30
CA ASN D 137 -21.31 4.25 -1.32
C ASN D 137 -21.08 5.73 -1.60
N ILE D 138 -19.85 6.22 -1.49
CA ILE D 138 -19.53 7.62 -1.71
C ILE D 138 -18.27 7.71 -2.56
N CYS D 139 -18.26 8.63 -3.52
CA CYS D 139 -17.08 8.94 -4.30
C CYS D 139 -16.47 10.23 -3.77
N SER D 140 -15.22 10.17 -3.35
CA SER D 140 -14.50 11.31 -2.80
C SER D 140 -13.48 11.81 -3.80
N ILE D 141 -13.36 13.13 -3.91
CA ILE D 141 -12.50 13.79 -4.88
C ILE D 141 -11.51 14.68 -4.13
N TYR D 142 -10.22 14.52 -4.43
CA TYR D 142 -9.15 15.20 -3.73
C TYR D 142 -8.44 16.18 -4.66
N ASN D 143 -7.97 17.28 -4.08
CA ASN D 143 -7.28 18.32 -4.82
C ASN D 143 -5.78 18.23 -4.53
N LEU D 144 -4.98 18.05 -5.58
CA LEU D 144 -3.55 17.88 -5.42
C LEU D 144 -2.74 19.16 -5.59
N LYS D 145 -3.36 20.25 -6.04
CA LYS D 145 -2.68 21.50 -6.28
C LYS D 145 -3.33 22.58 -5.43
N THR D 146 -2.88 22.71 -4.19
CA THR D 146 -3.42 23.68 -3.25
C THR D 146 -2.30 24.58 -2.74
N ARG D 147 -2.65 25.83 -2.44
CA ARG D 147 -1.67 26.76 -1.87
C ARG D 147 -1.61 26.62 -0.35
N GLU D 148 -1.53 25.39 0.13
CA GLU D 148 -1.33 25.13 1.55
C GLU D 148 -0.42 23.93 1.80
N GLY D 149 0.01 23.22 0.77
CA GLY D 149 0.98 22.16 0.90
C GLY D 149 0.41 20.77 1.09
N ASN D 150 -0.87 20.64 1.40
CA ASN D 150 -1.49 19.35 1.67
C ASN D 150 -2.43 18.96 0.53
N VAL D 151 -3.09 17.83 0.72
CA VAL D 151 -4.12 17.35 -0.20
C VAL D 151 -5.45 17.40 0.52
N ARG D 152 -6.44 18.05 -0.09
CA ARG D 152 -7.71 18.34 0.55
C ARG D 152 -8.85 17.63 -0.17
N VAL D 153 -9.87 17.27 0.59
CA VAL D 153 -11.10 16.77 -0.01
C VAL D 153 -11.82 17.91 -0.71
N SER D 154 -12.15 17.72 -1.97
CA SER D 154 -12.82 18.75 -2.76
C SER D 154 -14.32 18.58 -2.80
N ARG D 155 -14.82 17.35 -2.78
CA ARG D 155 -16.23 17.08 -2.92
C ARG D 155 -16.50 15.61 -2.59
N GLU D 156 -17.67 15.35 -2.02
CA GLU D 156 -18.18 14.01 -1.83
C GLU D 156 -19.49 13.87 -2.58
N LEU D 157 -19.59 12.84 -3.42
CA LEU D 157 -20.77 12.61 -4.25
C LEU D 157 -21.55 11.45 -3.67
N ALA D 158 -22.82 11.68 -3.38
CA ALA D 158 -23.69 10.69 -2.75
C ALA D 158 -24.96 10.52 -3.56
N GLY D 159 -25.51 9.31 -3.52
CA GLY D 159 -26.72 9.00 -4.26
C GLY D 159 -26.80 7.56 -4.72
N HIS D 160 -25.66 6.88 -4.83
CA HIS D 160 -25.68 5.46 -5.08
C HIS D 160 -26.10 4.72 -3.82
N THR D 161 -26.94 3.69 -3.99
CA THR D 161 -27.41 2.90 -2.86
C THR D 161 -26.66 1.58 -2.68
N GLY D 162 -25.67 1.30 -3.53
CA GLY D 162 -24.81 0.16 -3.36
C GLY D 162 -23.36 0.58 -3.37
N TYR D 163 -22.48 -0.39 -3.15
CA TYR D 163 -21.06 -0.08 -3.09
C TYR D 163 -20.56 0.40 -4.45
N LEU D 164 -19.57 1.26 -4.46
CA LEU D 164 -19.01 1.79 -5.69
C LEU D 164 -17.93 0.89 -6.16
N SER D 165 -17.97 0.45 -7.40
CA SER D 165 -17.04 -0.50 -7.99
C SER D 165 -16.05 0.11 -8.98
N CYS D 166 -16.43 1.10 -9.77
CA CYS D 166 -15.48 1.78 -10.64
C CYS D 166 -15.83 3.22 -10.80
N CYS D 167 -14.87 4.07 -11.13
CA CYS D 167 -15.05 5.50 -11.37
C CYS D 167 -13.98 5.96 -12.35
N ARG D 168 -14.38 6.78 -13.31
CA ARG D 168 -13.49 7.21 -14.39
C ARG D 168 -13.75 8.66 -14.73
N PHE D 169 -12.71 9.49 -14.64
CA PHE D 169 -12.83 10.90 -14.97
C PHE D 169 -13.08 11.10 -16.46
N LEU D 170 -13.94 12.06 -16.79
CA LEU D 170 -14.13 12.52 -18.17
C LEU D 170 -13.32 13.76 -18.47
N ASP D 171 -13.42 14.77 -17.60
CA ASP D 171 -12.56 15.94 -17.61
C ASP D 171 -12.44 16.41 -16.17
N ASP D 172 -12.04 17.66 -15.98
CA ASP D 172 -11.91 18.19 -14.63
C ASP D 172 -13.25 18.29 -13.90
N ASN D 173 -14.36 18.31 -14.63
CA ASN D 173 -15.66 18.59 -14.02
C ASN D 173 -16.69 17.49 -14.27
N GLN D 174 -16.30 16.32 -14.78
CA GLN D 174 -17.24 15.24 -14.99
C GLN D 174 -16.59 13.92 -14.64
N ILE D 175 -17.40 12.99 -14.12
CA ILE D 175 -16.92 11.67 -13.72
C ILE D 175 -18.07 10.69 -13.84
N VAL D 176 -17.77 9.48 -14.30
CA VAL D 176 -18.73 8.40 -14.44
C VAL D 176 -18.42 7.33 -13.41
N THR D 177 -19.42 6.94 -12.64
CA THR D 177 -19.27 5.91 -11.63
C THR D 177 -20.24 4.77 -11.88
N SER D 178 -19.84 3.56 -11.49
CA SER D 178 -20.73 2.41 -11.61
C SER D 178 -20.95 1.84 -10.22
N SER D 179 -22.18 1.52 -9.86
CA SER D 179 -22.46 1.05 -8.50
C SER D 179 -23.08 -0.34 -8.42
N GLY D 180 -22.99 -0.96 -7.25
CA GLY D 180 -23.55 -2.29 -7.06
C GLY D 180 -25.06 -2.30 -7.02
N ASP D 181 -25.68 -1.14 -7.12
CA ASP D 181 -27.13 -1.07 -7.16
C ASP D 181 -27.61 -1.18 -8.60
N THR D 182 -26.80 -1.80 -9.47
CA THR D 182 -27.17 -1.99 -10.87
C THR D 182 -27.43 -0.70 -11.66
N THR D 183 -26.71 0.37 -11.34
CA THR D 183 -26.84 1.61 -12.08
C THR D 183 -25.47 2.24 -12.29
N CYS D 184 -25.39 3.09 -13.31
CA CYS D 184 -24.25 3.97 -13.54
C CYS D 184 -24.77 5.40 -13.62
N ALA D 185 -23.91 6.35 -13.25
CA ALA D 185 -24.31 7.74 -13.20
C ALA D 185 -23.22 8.64 -13.76
N LEU D 186 -23.63 9.81 -14.24
CA LEU D 186 -22.72 10.86 -14.70
C LEU D 186 -22.93 12.06 -13.80
N TRP D 187 -21.85 12.54 -13.19
CA TRP D 187 -21.93 13.57 -12.16
C TRP D 187 -21.40 14.90 -12.66
N ASP D 188 -21.88 15.97 -12.04
CA ASP D 188 -21.28 17.29 -12.13
C ASP D 188 -20.60 17.60 -10.80
N ILE D 189 -19.30 17.83 -10.84
CA ILE D 189 -18.53 17.95 -9.61
C ILE D 189 -18.71 19.31 -8.94
N GLU D 190 -18.77 20.40 -9.72
CA GLU D 190 -18.85 21.72 -9.13
C GLU D 190 -20.16 21.95 -8.38
N THR D 191 -21.19 21.13 -8.64
CA THR D 191 -22.42 21.16 -7.88
C THR D 191 -22.59 19.92 -7.01
N GLY D 192 -22.31 18.74 -7.57
CA GLY D 192 -22.36 17.51 -6.81
C GLY D 192 -23.65 16.74 -7.01
N GLN D 193 -24.17 16.75 -8.23
CA GLN D 193 -25.43 16.10 -8.55
C GLN D 193 -25.30 15.32 -9.85
N GLN D 194 -26.13 14.29 -9.98
CA GLN D 194 -26.13 13.48 -11.19
C GLN D 194 -26.77 14.23 -12.35
N THR D 195 -26.22 14.03 -13.54
CA THR D 195 -26.79 14.57 -14.77
C THR D 195 -27.56 13.53 -15.57
N THR D 196 -27.04 12.30 -15.66
CA THR D 196 -27.72 11.21 -16.33
C THR D 196 -27.62 9.97 -15.45
N THR D 197 -28.63 9.12 -15.50
CA THR D 197 -28.59 7.86 -14.78
C THR D 197 -28.83 6.79 -15.79
N PHE D 198 -27.86 5.90 -15.95
CA PHE D 198 -27.97 4.79 -16.91
C PHE D 198 -28.61 3.60 -16.22
N THR D 199 -29.33 2.77 -16.97
CA THR D 199 -30.04 1.64 -16.37
C THR D 199 -30.11 0.44 -17.29
N GLY D 200 -30.77 -0.62 -16.84
CA GLY D 200 -30.96 -1.79 -17.68
C GLY D 200 -30.23 -3.02 -17.20
N HIS D 201 -29.24 -2.90 -16.38
CA HIS D 201 -28.56 -4.09 -16.02
C HIS D 201 -29.41 -4.68 -14.97
N THR D 202 -29.37 -5.96 -14.79
CA THR D 202 -30.11 -6.64 -13.76
C THR D 202 -29.12 -7.45 -13.03
N GLY D 203 -28.10 -6.84 -12.46
CA GLY D 203 -27.03 -7.56 -11.83
C GLY D 203 -26.08 -6.46 -11.53
N ASP D 204 -25.26 -6.56 -10.51
CA ASP D 204 -24.41 -5.47 -10.14
C ASP D 204 -23.36 -5.04 -11.15
N VAL D 205 -23.18 -3.73 -11.40
CA VAL D 205 -22.12 -3.39 -12.34
C VAL D 205 -20.77 -3.48 -11.66
N MET D 206 -19.79 -4.03 -12.38
CA MET D 206 -18.47 -4.30 -11.80
C MET D 206 -17.32 -3.58 -12.50
N SER D 207 -17.51 -3.06 -13.71
CA SER D 207 -16.40 -2.45 -14.43
C SER D 207 -16.91 -1.41 -15.40
N LEU D 208 -16.02 -0.49 -15.78
CA LEU D 208 -16.29 0.57 -16.74
C LEU D 208 -15.10 0.67 -17.68
N SER D 209 -15.36 1.24 -18.86
CA SER D 209 -14.28 1.57 -19.78
C SER D 209 -14.75 2.68 -20.71
N LEU D 210 -13.95 3.73 -20.84
CA LEU D 210 -14.28 4.89 -21.64
C LEU D 210 -13.66 4.78 -23.03
N ALA D 211 -14.41 5.23 -24.03
CA ALA D 211 -13.89 5.26 -25.38
C ALA D 211 -12.74 6.26 -25.48
N PRO D 212 -11.85 6.07 -26.47
CA PRO D 212 -10.74 7.03 -26.62
C PRO D 212 -11.19 8.47 -26.82
N ASP D 213 -12.30 8.69 -27.51
CA ASP D 213 -12.87 10.03 -27.65
C ASP D 213 -13.79 10.40 -26.49
N THR D 214 -14.06 9.45 -25.58
CA THR D 214 -14.93 9.67 -24.42
C THR D 214 -16.32 10.16 -24.84
N ARG D 215 -16.84 9.60 -25.93
CA ARG D 215 -18.20 9.89 -26.36
C ARG D 215 -19.17 8.77 -25.99
N LEU D 216 -18.67 7.64 -25.51
CA LEU D 216 -19.50 6.53 -25.05
C LEU D 216 -18.64 5.60 -24.22
N PHE D 217 -19.28 4.69 -23.50
CA PHE D 217 -18.56 3.78 -22.62
C PHE D 217 -19.31 2.46 -22.51
N VAL D 218 -18.58 1.41 -22.16
CA VAL D 218 -19.13 0.07 -21.98
C VAL D 218 -19.05 -0.30 -20.51
N SER D 219 -19.99 -1.13 -20.07
CA SER D 219 -20.02 -1.61 -18.69
C SER D 219 -20.33 -3.10 -18.68
N GLY D 220 -19.78 -3.78 -17.67
CA GLY D 220 -20.05 -5.20 -17.51
C GLY D 220 -20.60 -5.52 -16.14
N ALA D 221 -21.63 -6.35 -16.08
CA ALA D 221 -22.33 -6.63 -14.84
C ALA D 221 -22.25 -8.11 -14.51
N CYS D 222 -22.96 -8.52 -13.46
CA CYS D 222 -22.95 -9.88 -12.97
C CYS D 222 -24.01 -10.76 -13.61
N ASP D 223 -24.78 -10.24 -14.56
CA ASP D 223 -25.69 -11.04 -15.36
C ASP D 223 -25.06 -11.53 -16.65
N ALA D 224 -23.73 -11.52 -16.74
CA ALA D 224 -22.98 -12.00 -17.89
C ALA D 224 -23.39 -11.26 -19.18
N SER D 225 -23.52 -9.95 -19.09
CA SER D 225 -23.84 -9.13 -20.24
C SER D 225 -23.05 -7.83 -20.17
N ALA D 226 -22.87 -7.22 -21.33
CA ALA D 226 -22.20 -5.93 -21.45
C ALA D 226 -23.03 -5.01 -22.33
N LYS D 227 -23.08 -3.74 -21.98
CA LYS D 227 -23.91 -2.77 -22.67
C LYS D 227 -23.07 -1.58 -23.08
N LEU D 228 -23.51 -0.89 -24.14
CA LEU D 228 -22.80 0.31 -24.58
C LEU D 228 -23.75 1.48 -24.46
N TRP D 229 -23.23 2.57 -23.94
CA TRP D 229 -24.05 3.68 -23.74
C TRP D 229 -23.39 4.88 -24.21
N ASP D 230 -24.15 5.80 -24.71
CA ASP D 230 -23.52 7.07 -25.05
C ASP D 230 -23.82 8.12 -23.98
N VAL D 231 -22.85 8.99 -23.74
CA VAL D 231 -22.91 9.91 -22.61
C VAL D 231 -23.92 11.02 -22.84
N ARG D 232 -24.10 11.46 -24.08
CA ARG D 232 -24.96 12.61 -24.35
C ARG D 232 -26.44 12.28 -24.13
N GLU D 233 -26.96 11.34 -24.92
CA GLU D 233 -28.38 11.02 -24.83
C GLU D 233 -28.72 10.11 -23.66
N GLY D 234 -27.73 9.43 -23.08
CA GLY D 234 -28.01 8.56 -21.96
C GLY D 234 -28.78 7.31 -22.31
N MET D 235 -28.77 6.91 -23.58
CA MET D 235 -29.48 5.72 -24.04
C MET D 235 -28.52 4.54 -24.13
N CYS D 236 -29.10 3.34 -24.19
CA CYS D 236 -28.34 2.12 -24.41
C CYS D 236 -28.42 1.77 -25.89
N ARG D 237 -27.27 1.49 -26.49
CA ARG D 237 -27.17 1.24 -27.93
C ARG D 237 -27.21 -0.25 -28.26
N GLN D 238 -26.30 -1.03 -27.68
CA GLN D 238 -26.20 -2.45 -27.98
C GLN D 238 -25.93 -3.23 -26.71
N THR D 239 -26.34 -4.49 -26.72
CA THR D 239 -26.11 -5.42 -25.62
C THR D 239 -25.36 -6.64 -26.15
N PHE D 240 -24.35 -7.09 -25.42
CA PHE D 240 -23.50 -8.19 -25.84
C PHE D 240 -23.60 -9.32 -24.83
N THR D 241 -23.90 -10.52 -25.31
CA THR D 241 -24.04 -11.70 -24.46
C THR D 241 -23.14 -12.81 -25.00
N GLY D 242 -22.89 -13.81 -24.15
CA GLY D 242 -22.07 -14.92 -24.54
C GLY D 242 -21.23 -15.51 -23.43
N HIS D 243 -21.03 -14.76 -22.35
CA HIS D 243 -20.30 -15.28 -21.21
C HIS D 243 -21.19 -16.21 -20.40
N GLU D 244 -20.62 -16.85 -19.40
CA GLU D 244 -21.36 -17.80 -18.56
C GLU D 244 -21.49 -17.37 -17.11
N SER D 245 -20.70 -16.40 -16.64
CA SER D 245 -20.80 -15.94 -15.26
C SER D 245 -20.43 -14.47 -15.20
N ASP D 246 -20.14 -14.00 -14.00
CA ASP D 246 -19.91 -12.58 -13.76
C ASP D 246 -18.73 -12.06 -14.56
N ILE D 247 -18.90 -10.92 -15.23
CA ILE D 247 -17.89 -10.22 -16.01
C ILE D 247 -17.18 -9.27 -15.12
N ASN D 248 -15.94 -9.52 -14.77
CA ASN D 248 -15.18 -8.73 -13.83
C ASN D 248 -14.28 -7.66 -14.30
N ALA D 249 -13.84 -7.69 -15.55
CA ALA D 249 -12.99 -6.67 -16.14
C ALA D 249 -13.42 -6.40 -17.57
N ILE D 250 -13.19 -5.17 -18.02
CA ILE D 250 -13.54 -4.77 -19.37
C ILE D 250 -12.54 -3.71 -19.83
N CYS D 251 -12.19 -3.72 -21.11
CA CYS D 251 -11.24 -2.76 -21.69
C CYS D 251 -11.48 -2.53 -23.16
N PHE D 252 -11.27 -1.33 -23.68
CA PHE D 252 -11.57 -1.02 -25.08
C PHE D 252 -10.34 -0.98 -25.95
N PHE D 253 -10.43 -1.50 -27.17
CA PHE D 253 -9.34 -1.55 -28.09
C PHE D 253 -8.96 -0.16 -28.37
N PRO D 254 -7.73 0.05 -28.80
CA PRO D 254 -7.20 1.39 -29.08
C PRO D 254 -7.91 2.14 -30.20
N ASN D 255 -8.35 1.44 -31.25
CA ASN D 255 -9.08 2.12 -32.32
C ASN D 255 -10.43 2.61 -31.85
N GLY D 256 -11.05 1.92 -30.88
CA GLY D 256 -12.36 2.28 -30.40
C GLY D 256 -13.51 1.54 -31.03
N ASN D 257 -13.24 0.46 -31.78
CA ASN D 257 -14.28 -0.30 -32.46
C ASN D 257 -14.40 -1.72 -31.92
N ALA D 258 -13.79 -2.00 -30.77
CA ALA D 258 -13.81 -3.34 -30.20
C ALA D 258 -13.50 -3.23 -28.71
N PHE D 259 -13.83 -4.29 -27.98
CA PHE D 259 -13.51 -4.33 -26.56
C PHE D 259 -13.39 -5.78 -26.12
N ALA D 260 -12.77 -5.98 -24.96
CA ALA D 260 -12.55 -7.30 -24.40
C ALA D 260 -13.11 -7.38 -22.99
N THR D 261 -13.53 -8.58 -22.60
CA THR D 261 -14.17 -8.82 -21.31
C THR D 261 -13.49 -9.99 -20.61
N GLY D 262 -13.46 -9.96 -19.30
CA GLY D 262 -12.93 -11.01 -18.50
C GLY D 262 -13.78 -11.54 -17.44
N SER D 263 -14.18 -12.80 -17.57
CA SER D 263 -15.07 -13.44 -16.65
C SER D 263 -14.60 -14.37 -15.61
N ASP D 264 -15.52 -14.98 -14.90
CA ASP D 264 -15.19 -15.90 -13.86
C ASP D 264 -15.30 -17.32 -14.36
N ASP D 265 -15.47 -17.51 -15.65
CA ASP D 265 -15.46 -18.82 -16.25
C ASP D 265 -14.14 -19.07 -16.91
N ALA D 266 -13.07 -18.42 -16.45
CA ALA D 266 -11.75 -18.53 -17.04
C ALA D 266 -11.62 -18.30 -18.52
N THR D 267 -12.13 -17.20 -19.06
CA THR D 267 -12.13 -16.96 -20.50
C THR D 267 -12.27 -15.47 -20.75
N CYS D 268 -11.57 -14.98 -21.77
CA CYS D 268 -11.75 -13.64 -22.29
C CYS D 268 -12.30 -13.71 -23.70
N ARG D 269 -13.10 -12.71 -24.07
CA ARG D 269 -13.71 -12.64 -25.39
C ARG D 269 -13.52 -11.25 -25.98
N LEU D 270 -13.51 -11.19 -27.31
CA LEU D 270 -13.38 -9.94 -28.05
C LEU D 270 -14.65 -9.70 -28.84
N PHE D 271 -15.20 -8.49 -28.72
CA PHE D 271 -16.44 -8.10 -29.38
C PHE D 271 -16.18 -6.95 -30.33
N ASP D 272 -16.95 -6.89 -31.41
CA ASP D 272 -16.89 -5.81 -32.37
C ASP D 272 -18.15 -4.96 -32.26
N LEU D 273 -17.98 -3.64 -32.18
CA LEU D 273 -19.13 -2.75 -32.09
C LEU D 273 -19.82 -2.57 -33.43
N ARG D 274 -19.14 -2.86 -34.54
CA ARG D 274 -19.72 -2.69 -35.87
C ARG D 274 -20.28 -3.99 -36.44
N ALA D 275 -19.63 -5.13 -36.16
CA ALA D 275 -20.23 -6.42 -36.47
C ALA D 275 -21.28 -6.82 -35.45
N ASP D 276 -21.24 -6.23 -34.25
CA ASP D 276 -22.26 -6.42 -33.22
C ASP D 276 -22.29 -7.85 -32.70
N GLN D 277 -21.15 -8.52 -32.66
CA GLN D 277 -21.14 -9.92 -32.24
C GLN D 277 -19.81 -10.35 -31.67
N GLU D 278 -19.54 -11.64 -31.73
CA GLU D 278 -18.29 -12.16 -31.17
C GLU D 278 -17.22 -12.38 -32.21
N LEU D 279 -15.97 -12.20 -31.82
CA LEU D 279 -14.85 -12.37 -32.72
C LEU D 279 -13.94 -13.53 -32.32
N MET D 280 -13.53 -13.60 -31.05
CA MET D 280 -12.50 -14.54 -30.64
C MET D 280 -12.59 -14.75 -29.14
N THR D 281 -12.24 -15.97 -28.71
CA THR D 281 -12.19 -16.36 -27.31
C THR D 281 -10.80 -16.87 -26.92
N TYR D 282 -10.29 -16.49 -25.75
CA TYR D 282 -8.94 -16.81 -25.31
C TYR D 282 -9.02 -17.72 -24.09
N SER D 283 -9.03 -19.02 -24.32
CA SER D 283 -9.15 -20.00 -23.24
C SER D 283 -8.12 -21.10 -23.41
N HIS D 284 -7.65 -21.62 -22.28
CA HIS D 284 -6.77 -22.77 -22.24
C HIS D 284 -7.34 -23.81 -21.28
N ASP D 285 -7.08 -25.08 -21.58
CA ASP D 285 -7.64 -26.17 -20.80
C ASP D 285 -6.97 -26.36 -19.44
N ASN D 286 -5.82 -25.73 -19.20
CA ASN D 286 -5.14 -25.81 -17.92
C ASN D 286 -5.36 -24.55 -17.08
N ILE D 287 -6.30 -23.69 -17.46
CA ILE D 287 -6.62 -22.48 -16.72
C ILE D 287 -8.05 -22.60 -16.22
N ILE D 288 -8.22 -22.46 -14.90
CA ILE D 288 -9.54 -22.64 -14.29
C ILE D 288 -9.97 -21.47 -13.41
N CYS D 289 -9.07 -20.59 -12.98
CA CYS D 289 -9.43 -19.48 -12.12
C CYS D 289 -9.96 -18.31 -12.94
N GLY D 290 -10.70 -17.44 -12.27
CA GLY D 290 -11.27 -16.28 -12.94
C GLY D 290 -10.26 -15.20 -13.23
N ILE D 291 -10.66 -14.28 -14.11
CA ILE D 291 -9.82 -13.18 -14.54
C ILE D 291 -10.19 -11.94 -13.72
N THR D 292 -9.19 -11.26 -13.18
CA THR D 292 -9.42 -10.07 -12.37
C THR D 292 -9.25 -8.77 -13.14
N SER D 293 -8.33 -8.73 -14.10
CA SER D 293 -8.02 -7.50 -14.83
C SER D 293 -7.71 -7.84 -16.28
N VAL D 294 -7.84 -6.82 -17.13
CA VAL D 294 -7.66 -6.98 -18.57
C VAL D 294 -7.21 -5.64 -19.14
N SER D 295 -6.27 -5.69 -20.10
CA SER D 295 -5.78 -4.47 -20.72
C SER D 295 -5.12 -4.82 -22.05
N PHE D 296 -5.03 -3.81 -22.92
CA PHE D 296 -4.40 -3.91 -24.23
C PHE D 296 -3.05 -3.21 -24.22
N SER D 297 -2.22 -3.54 -25.21
CA SER D 297 -0.98 -2.82 -25.41
C SER D 297 -1.21 -1.65 -26.37
N LYS D 298 -0.15 -0.92 -26.67
CA LYS D 298 -0.30 0.36 -27.40
C LYS D 298 -0.83 0.14 -28.82
N SER D 299 -0.35 -0.89 -29.50
CA SER D 299 -0.82 -1.17 -30.85
C SER D 299 -2.01 -2.11 -30.89
N GLY D 300 -2.40 -2.69 -29.76
CA GLY D 300 -3.51 -3.62 -29.75
C GLY D 300 -3.17 -5.03 -30.18
N ARG D 301 -1.90 -5.38 -30.24
CA ARG D 301 -1.50 -6.72 -30.67
C ARG D 301 -1.42 -7.71 -29.53
N LEU D 302 -1.20 -7.24 -28.30
CA LEU D 302 -1.13 -8.10 -27.13
C LEU D 302 -2.28 -7.79 -26.18
N LEU D 303 -2.67 -8.79 -25.41
CA LEU D 303 -3.76 -8.66 -24.45
C LEU D 303 -3.26 -9.17 -23.10
N LEU D 304 -3.21 -8.29 -22.11
CA LEU D 304 -2.73 -8.63 -20.78
C LEU D 304 -3.91 -8.99 -19.88
N ALA D 305 -3.83 -10.13 -19.21
CA ALA D 305 -4.89 -10.60 -18.33
C ALA D 305 -4.31 -11.09 -17.02
N GLY D 306 -4.93 -10.67 -15.91
CA GLY D 306 -4.52 -11.08 -14.58
C GLY D 306 -5.49 -12.10 -14.00
N TYR D 307 -4.94 -13.07 -13.26
CA TYR D 307 -5.69 -14.23 -12.81
C TYR D 307 -5.57 -14.41 -11.31
N ASP D 308 -6.35 -15.35 -10.78
CA ASP D 308 -6.21 -15.80 -9.40
C ASP D 308 -5.13 -16.86 -9.23
N ASP D 309 -4.54 -17.34 -10.33
CA ASP D 309 -3.42 -18.27 -10.37
C ASP D 309 -2.16 -17.67 -9.85
N PHE D 310 -2.21 -16.41 -9.40
CA PHE D 310 -1.14 -15.59 -8.87
C PHE D 310 -0.29 -14.98 -9.99
N ASN D 311 -0.56 -15.29 -11.26
CA ASN D 311 0.28 -14.79 -12.34
C ASN D 311 -0.54 -14.05 -13.39
N CYS D 312 0.10 -13.69 -14.51
CA CYS D 312 -0.53 -12.87 -15.53
C CYS D 312 -0.10 -13.38 -16.89
N ASN D 313 -1.07 -13.73 -17.73
CA ASN D 313 -0.82 -14.19 -19.09
C ASN D 313 -0.85 -13.01 -20.06
N VAL D 314 -0.14 -13.16 -21.17
CA VAL D 314 -0.26 -12.25 -22.30
C VAL D 314 -0.63 -13.08 -23.52
N TRP D 315 -1.54 -12.56 -24.33
CA TRP D 315 -2.11 -13.27 -25.46
C TRP D 315 -1.81 -12.51 -26.73
N ASP D 316 -1.48 -13.24 -27.79
CA ASP D 316 -1.46 -12.65 -29.12
C ASP D 316 -2.91 -12.40 -29.53
N ALA D 317 -3.31 -11.13 -29.58
CA ALA D 317 -4.72 -10.81 -29.77
C ALA D 317 -5.26 -11.28 -31.12
N LEU D 318 -4.41 -11.36 -32.14
CA LEU D 318 -4.88 -11.69 -33.48
C LEU D 318 -4.94 -13.19 -33.76
N LYS D 319 -4.31 -14.01 -32.93
CA LYS D 319 -4.31 -15.46 -33.14
C LYS D 319 -4.73 -16.26 -31.93
N ALA D 320 -4.89 -15.65 -30.76
CA ALA D 320 -5.37 -16.32 -29.55
C ALA D 320 -4.40 -17.40 -29.09
N ASP D 321 -3.12 -17.06 -29.04
CA ASP D 321 -2.08 -17.93 -28.50
C ASP D 321 -1.36 -17.20 -27.38
N ARG D 322 -0.99 -17.93 -26.33
CA ARG D 322 -0.18 -17.34 -25.28
C ARG D 322 1.19 -16.97 -25.83
N ALA D 323 1.66 -15.77 -25.50
CA ALA D 323 2.98 -15.32 -25.89
C ALA D 323 3.97 -15.29 -24.74
N GLY D 324 3.50 -15.28 -23.51
CA GLY D 324 4.40 -15.24 -22.37
C GLY D 324 3.61 -15.21 -21.07
N VAL D 325 4.36 -15.23 -19.98
CA VAL D 325 3.79 -15.22 -18.64
C VAL D 325 4.48 -14.13 -17.83
N LEU D 326 3.80 -13.68 -16.78
CA LEU D 326 4.33 -12.69 -15.83
C LEU D 326 4.13 -13.29 -14.43
N ALA D 327 5.10 -14.09 -13.99
CA ALA D 327 5.01 -14.81 -12.73
C ALA D 327 5.97 -14.17 -11.73
N GLY D 328 5.44 -13.28 -10.90
CA GLY D 328 6.27 -12.63 -9.91
C GLY D 328 5.56 -12.25 -8.62
N HIS D 329 4.32 -12.68 -8.46
CA HIS D 329 3.50 -12.27 -7.32
C HIS D 329 3.17 -13.48 -6.46
N ASP D 330 3.03 -13.22 -5.16
CA ASP D 330 2.78 -14.28 -4.18
C ASP D 330 1.32 -14.46 -3.83
N ASN D 331 0.42 -13.70 -4.46
CA ASN D 331 -1.00 -13.81 -4.19
C ASN D 331 -1.77 -13.36 -5.43
N ARG D 332 -3.07 -13.18 -5.27
CA ARG D 332 -3.94 -12.87 -6.40
C ARG D 332 -3.61 -11.51 -7.00
N VAL D 333 -3.55 -11.46 -8.34
CA VAL D 333 -3.30 -10.21 -9.06
C VAL D 333 -4.63 -9.49 -9.24
N SER D 334 -4.74 -8.28 -8.68
CA SER D 334 -6.01 -7.57 -8.63
C SER D 334 -6.10 -6.39 -9.58
N CYS D 335 -4.98 -5.77 -9.91
CA CYS D 335 -4.97 -4.62 -10.77
C CYS D 335 -3.94 -4.82 -11.87
N LEU D 336 -4.04 -4.09 -12.97
CA LEU D 336 -3.12 -4.27 -14.09
C LEU D 336 -3.37 -3.15 -15.09
N GLY D 337 -2.32 -2.41 -15.44
CA GLY D 337 -2.47 -1.28 -16.33
C GLY D 337 -1.22 -1.03 -17.15
N VAL D 338 -1.40 -0.32 -18.26
CA VAL D 338 -0.33 0.00 -19.20
C VAL D 338 -0.31 1.51 -19.41
N THR D 339 0.90 2.07 -19.51
CA THR D 339 1.05 3.50 -19.70
C THR D 339 0.50 3.93 -21.06
N ASP D 340 0.43 5.24 -21.26
CA ASP D 340 -0.14 5.79 -22.48
C ASP D 340 0.82 5.74 -23.66
N ASP D 341 2.12 5.58 -23.43
CA ASP D 341 3.07 5.38 -24.52
C ASP D 341 3.50 3.93 -24.66
N GLY D 342 2.92 3.02 -23.88
CA GLY D 342 3.17 1.61 -24.03
C GLY D 342 4.59 1.16 -23.73
N MET D 343 5.23 1.78 -22.74
CA MET D 343 6.61 1.44 -22.39
C MET D 343 6.72 0.55 -21.17
N ALA D 344 5.72 0.50 -20.31
CA ALA D 344 5.79 -0.31 -19.10
C ALA D 344 4.41 -0.82 -18.75
N VAL D 345 4.39 -1.91 -17.98
CA VAL D 345 3.17 -2.52 -17.44
C VAL D 345 3.32 -2.58 -15.93
N ALA D 346 2.28 -2.14 -15.22
CA ALA D 346 2.26 -2.17 -13.77
C ALA D 346 1.17 -3.11 -13.30
N THR D 347 1.51 -3.97 -12.33
CA THR D 347 0.56 -4.93 -11.77
C THR D 347 0.57 -4.83 -10.26
N GLY D 348 -0.61 -4.71 -9.67
CA GLY D 348 -0.77 -4.81 -8.22
C GLY D 348 -1.29 -6.18 -7.83
N SER D 349 -1.23 -6.44 -6.52
CA SER D 349 -1.58 -7.78 -6.06
C SER D 349 -1.95 -7.72 -4.58
N TRP D 350 -2.44 -8.86 -4.08
CA TRP D 350 -2.92 -8.98 -2.72
C TRP D 350 -1.79 -9.19 -1.71
N ASP D 351 -0.56 -9.40 -2.16
CA ASP D 351 0.59 -9.45 -1.27
C ASP D 351 1.18 -8.08 -1.00
N SER D 352 0.49 -7.01 -1.42
CA SER D 352 0.84 -5.63 -1.10
C SER D 352 2.14 -5.19 -1.78
N PHE D 353 2.30 -5.54 -3.06
CA PHE D 353 3.46 -5.11 -3.82
C PHE D 353 3.04 -4.68 -5.22
N LEU D 354 3.71 -3.67 -5.73
CA LEU D 354 3.52 -3.19 -7.09
C LEU D 354 4.80 -3.42 -7.88
N LYS D 355 4.67 -3.94 -9.09
CA LYS D 355 5.82 -4.23 -9.92
C LYS D 355 5.63 -3.62 -11.30
N ILE D 356 6.73 -3.14 -11.88
CA ILE D 356 6.74 -2.57 -13.23
C ILE D 356 7.56 -3.48 -14.12
N TRP D 357 7.09 -3.81 -15.29
CA TRP D 357 7.73 -4.74 -16.16
C TRP D 357 8.14 -4.13 -17.49
N ASN D 358 9.27 -4.59 -18.04
CA ASN D 358 9.76 -4.06 -19.32
C ASN D 358 9.66 -2.54 -19.41
N LEU E 28 42.02 -38.80 16.20
CA LEU E 28 40.74 -39.45 16.34
C LEU E 28 40.65 -40.56 15.42
N SER E 29 39.47 -41.16 15.36
CA SER E 29 39.14 -42.05 14.28
C SER E 29 38.42 -41.23 13.27
N LEU E 30 37.26 -40.73 13.66
CA LEU E 30 36.52 -39.93 12.70
C LEU E 30 36.11 -38.57 13.14
N THR E 31 37.06 -37.66 13.19
CA THR E 31 36.70 -36.29 13.48
C THR E 31 36.01 -35.78 12.32
N VAL E 32 35.93 -36.64 11.34
CA VAL E 32 35.28 -36.34 10.09
C VAL E 32 33.81 -36.40 10.40
N LEU E 33 33.46 -36.93 11.57
CA LEU E 33 32.09 -36.97 12.00
C LEU E 33 31.58 -35.59 11.94
N THR E 34 32.27 -34.69 12.59
CA THR E 34 31.85 -33.31 12.62
C THR E 34 31.92 -32.65 11.27
N CYS E 35 32.75 -33.15 10.36
CA CYS E 35 32.93 -32.46 9.11
C CYS E 35 31.78 -32.79 8.28
N ILE E 36 31.27 -33.98 8.52
CA ILE E 36 30.12 -34.43 7.77
C ILE E 36 28.79 -33.99 8.39
N VAL E 37 28.83 -33.09 9.37
CA VAL E 37 27.60 -32.72 10.05
C VAL E 37 27.48 -31.23 10.04
N SER E 38 28.57 -30.59 9.70
CA SER E 38 28.57 -29.17 9.64
C SER E 38 28.55 -28.93 8.18
N LEU E 39 28.47 -30.00 7.43
CA LEU E 39 28.36 -29.89 6.01
C LEU E 39 26.96 -29.42 5.85
N VAL E 40 26.02 -30.22 6.33
CA VAL E 40 24.63 -29.82 6.26
C VAL E 40 24.51 -28.51 6.93
N GLY E 41 24.93 -28.45 8.18
CA GLY E 41 24.76 -27.26 8.95
C GLY E 41 25.26 -25.93 8.47
N LEU E 42 26.33 -25.88 7.71
CA LEU E 42 26.88 -24.59 7.34
C LEU E 42 25.94 -23.99 6.41
N THR E 43 25.30 -24.84 5.65
CA THR E 43 24.36 -24.38 4.65
C THR E 43 22.95 -24.35 5.18
N GLY E 44 22.71 -25.12 6.23
CA GLY E 44 21.40 -25.17 6.80
C GLY E 44 21.01 -23.81 7.25
N ASN E 45 21.95 -23.08 7.82
CA ASN E 45 21.65 -21.72 8.21
C ASN E 45 21.80 -20.75 7.07
N ALA E 46 22.57 -21.10 6.04
CA ALA E 46 22.81 -20.09 5.01
C ALA E 46 21.53 -19.70 4.29
N VAL E 47 20.71 -20.69 3.92
CA VAL E 47 19.45 -20.41 3.23
C VAL E 47 18.50 -19.65 4.15
N VAL E 48 18.42 -20.07 5.41
CA VAL E 48 17.55 -19.39 6.37
C VAL E 48 18.06 -17.98 6.64
N LEU E 49 19.38 -17.80 6.62
CA LEU E 49 19.96 -16.48 6.79
C LEU E 49 19.50 -15.51 5.70
N TRP E 50 19.09 -16.08 4.56
CA TRP E 50 18.65 -15.25 3.44
C TRP E 50 17.15 -15.31 3.18
N LEU E 51 16.52 -16.45 3.38
CA LEU E 51 15.09 -16.55 3.22
C LEU E 51 14.44 -15.54 4.12
N LEU E 52 14.69 -15.67 5.42
CA LEU E 52 14.13 -14.74 6.37
C LEU E 52 14.81 -13.40 6.24
N GLY E 53 16.08 -13.42 5.91
CA GLY E 53 16.82 -12.20 5.81
C GLY E 53 16.36 -11.36 4.65
N CYS E 54 15.47 -11.90 3.83
CA CYS E 54 14.91 -11.10 2.74
C CYS E 54 13.43 -10.85 2.90
N ARG E 55 12.70 -11.86 3.36
CA ARG E 55 11.24 -11.74 3.47
C ARG E 55 10.71 -11.87 4.89
N MET E 56 9.40 -11.66 5.07
CA MET E 56 8.78 -11.78 6.38
C MET E 56 9.53 -10.98 7.43
N ARG E 57 10.05 -11.65 8.45
CA ARG E 57 10.81 -11.00 9.53
C ARG E 57 10.03 -9.86 10.14
N ARG E 58 8.74 -10.05 10.28
CA ARG E 58 7.94 -9.02 10.86
C ARG E 58 7.74 -9.42 12.30
N ASN E 59 7.66 -10.72 12.52
CA ASN E 59 7.43 -11.19 13.84
C ASN E 59 8.60 -10.86 14.70
N ALA E 60 8.33 -10.44 15.93
CA ALA E 60 9.40 -10.13 16.83
C ALA E 60 10.10 -11.38 17.16
N PHE E 61 9.39 -12.49 17.08
CA PHE E 61 10.03 -13.76 17.28
C PHE E 61 11.14 -13.99 16.27
N SER E 62 10.95 -13.55 15.03
CA SER E 62 11.94 -13.78 13.99
C SER E 62 13.26 -13.10 14.17
N ILE E 63 13.29 -11.96 14.81
CA ILE E 63 14.57 -11.32 15.10
C ILE E 63 15.48 -12.29 15.84
N TYR E 64 15.02 -12.83 16.96
CA TYR E 64 15.84 -13.76 17.72
C TYR E 64 16.38 -14.89 16.84
N ILE E 65 15.55 -15.42 15.95
CA ILE E 65 15.99 -16.50 15.08
C ILE E 65 17.02 -16.00 14.08
N LEU E 66 16.84 -14.77 13.58
CA LEU E 66 17.82 -14.20 12.66
C LEU E 66 19.19 -14.07 13.30
N ASN E 67 19.22 -13.58 14.54
CA ASN E 67 20.49 -13.50 15.28
C ASN E 67 20.98 -14.87 15.70
N LEU E 68 20.07 -15.81 15.97
CA LEU E 68 20.47 -17.17 16.31
C LEU E 68 21.19 -17.83 15.14
N ALA E 69 20.64 -17.70 13.93
CA ALA E 69 21.27 -18.31 12.76
C ALA E 69 22.53 -17.56 12.36
N ALA E 70 22.55 -16.25 12.51
CA ALA E 70 23.73 -15.47 12.17
C ALA E 70 24.91 -15.84 13.04
N ALA E 71 24.67 -16.03 14.34
CA ALA E 71 25.72 -16.43 15.28
C ALA E 71 26.01 -17.92 15.24
N ASP E 72 25.17 -18.70 14.63
CA ASP E 72 25.42 -20.11 14.56
C ASP E 72 26.46 -20.37 13.52
N PHE E 73 26.40 -19.65 12.40
CA PHE E 73 27.35 -19.85 11.30
C PHE E 73 28.76 -19.84 11.82
N LEU E 74 29.24 -18.71 12.31
CA LEU E 74 30.51 -18.64 12.89
C LEU E 74 31.03 -19.73 13.79
N PHE E 75 30.20 -20.32 14.62
CA PHE E 75 30.66 -21.45 15.42
C PHE E 75 30.88 -22.61 14.56
N LEU E 76 29.92 -22.87 13.69
CA LEU E 76 30.02 -24.07 12.92
C LEU E 76 31.13 -23.94 11.90
N SER E 77 31.38 -22.73 11.41
CA SER E 77 32.42 -22.50 10.40
C SER E 77 33.77 -22.51 11.01
N GLY E 78 33.92 -21.96 12.20
CA GLY E 78 35.18 -22.04 12.85
C GLY E 78 35.54 -23.49 13.07
N ARG E 79 34.57 -24.30 13.36
CA ARG E 79 34.89 -25.64 13.64
C ARG E 79 35.08 -26.39 12.35
N LEU E 80 34.55 -25.85 11.26
CA LEU E 80 34.82 -26.45 9.95
C LEU E 80 36.30 -26.39 9.67
N ILE E 81 36.99 -25.43 10.27
CA ILE E 81 38.41 -25.23 9.95
C ILE E 81 39.26 -26.15 10.72
N TYR E 82 38.72 -26.75 11.77
CA TYR E 82 39.62 -27.52 12.60
C TYR E 82 40.14 -28.68 11.80
N SER E 83 39.65 -28.87 10.59
CA SER E 83 40.24 -29.91 9.77
C SER E 83 41.71 -29.73 9.85
N LEU E 84 42.15 -28.48 9.79
CA LEU E 84 43.54 -28.19 9.83
C LEU E 84 44.12 -28.84 11.03
N LEU E 85 43.53 -28.55 12.17
CA LEU E 85 44.01 -29.13 13.38
C LEU E 85 45.42 -28.63 13.62
N SER E 95 45.88 -18.97 14.77
CA SER E 95 46.04 -19.38 16.15
C SER E 95 45.43 -18.34 17.02
N LYS E 96 45.65 -17.11 16.62
CA LYS E 96 45.17 -15.96 17.35
C LYS E 96 43.67 -15.74 17.38
N ILE E 97 43.01 -15.95 16.25
CA ILE E 97 41.60 -15.66 16.22
C ILE E 97 40.74 -16.90 16.22
N LEU E 98 41.35 -18.05 15.97
CA LEU E 98 40.56 -19.29 15.94
C LEU E 98 40.06 -19.61 17.33
N TYR E 99 40.86 -19.42 18.37
CA TYR E 99 40.27 -19.66 19.68
C TYR E 99 39.23 -18.72 20.28
N PRO E 100 39.31 -17.38 20.19
CA PRO E 100 38.26 -16.58 20.91
C PRO E 100 36.95 -16.47 20.14
N VAL E 101 36.96 -16.68 18.86
CA VAL E 101 35.84 -16.60 17.93
C VAL E 101 34.74 -17.66 17.93
N MET E 102 35.08 -18.88 18.36
CA MET E 102 34.06 -19.91 18.49
C MET E 102 33.47 -19.92 19.91
N MET E 103 34.24 -19.43 20.87
CA MET E 103 33.77 -19.36 22.23
C MET E 103 32.90 -18.18 22.36
N PHE E 104 33.17 -17.13 21.62
CA PHE E 104 32.30 -15.96 21.62
C PHE E 104 30.95 -16.30 20.99
N SER E 105 30.96 -17.12 19.94
CA SER E 105 29.72 -17.50 19.27
C SER E 105 28.96 -18.57 20.06
N TYR E 106 29.70 -19.44 20.75
CA TYR E 106 29.05 -20.49 21.53
C TYR E 106 28.13 -19.90 22.59
N PHE E 107 28.63 -18.94 23.37
CA PHE E 107 27.83 -18.32 24.41
C PHE E 107 26.89 -17.26 23.86
N ALA E 108 27.13 -16.80 22.63
CA ALA E 108 26.17 -15.92 21.98
C ALA E 108 24.94 -16.71 21.52
N GLY E 109 25.17 -17.87 20.92
CA GLY E 109 24.05 -18.66 20.43
C GLY E 109 23.19 -19.21 21.54
N LEU E 110 23.81 -19.64 22.65
CA LEU E 110 23.05 -20.19 23.77
C LEU E 110 22.18 -19.12 24.43
N SER E 111 22.56 -17.85 24.28
CA SER E 111 21.78 -16.77 24.90
C SER E 111 20.50 -16.50 24.12
N PHE E 112 20.52 -16.48 22.83
CA PHE E 112 19.37 -16.17 22.05
C PHE E 112 18.51 -17.38 21.99
N LEU E 113 18.91 -18.50 22.50
CA LEU E 113 18.01 -19.63 22.59
C LEU E 113 17.10 -19.52 23.82
N SER E 114 17.60 -19.26 25.03
CA SER E 114 16.77 -19.05 26.21
C SER E 114 16.06 -17.70 26.19
N ALA E 115 16.47 -16.79 25.32
CA ALA E 115 15.73 -15.54 25.15
C ALA E 115 14.47 -15.75 24.33
N VAL E 116 14.51 -16.68 23.37
CA VAL E 116 13.32 -17.00 22.60
C VAL E 116 12.37 -17.92 23.37
N SER E 117 12.88 -18.66 24.35
CA SER E 117 12.03 -19.51 25.18
C SER E 117 11.25 -18.70 26.20
N THR E 118 11.82 -17.63 26.72
CA THR E 118 11.13 -16.79 27.69
C THR E 118 10.25 -15.74 27.04
N GLU E 119 10.32 -15.58 25.71
CA GLU E 119 9.44 -14.65 25.03
C GLU E 119 8.11 -15.29 24.67
N ARG E 120 8.10 -16.59 24.41
CA ARG E 120 6.84 -17.28 24.15
C ARG E 120 6.04 -17.52 25.42
N CYS E 121 6.73 -17.67 26.56
CA CYS E 121 6.03 -17.80 27.83
C CYS E 121 5.27 -16.53 28.17
N LEU E 122 5.86 -15.36 27.88
CA LEU E 122 5.19 -14.10 28.15
C LEU E 122 4.02 -13.84 27.21
N SER E 123 4.03 -14.44 26.02
CA SER E 123 2.92 -14.24 25.09
C SER E 123 1.65 -14.92 25.54
N VAL E 124 1.72 -15.86 26.48
CA VAL E 124 0.54 -16.53 26.99
C VAL E 124 0.24 -16.15 28.44
N LEU E 125 1.26 -15.77 29.23
CA LEU E 125 1.00 -15.34 30.60
C LEU E 125 0.33 -13.97 30.62
N TRP E 126 0.83 -13.07 29.80
CA TRP E 126 0.31 -11.74 29.74
C TRP E 126 -0.05 -11.52 28.25
N PRO E 127 -1.14 -12.10 27.66
CA PRO E 127 -1.42 -11.97 26.22
C PRO E 127 -1.84 -10.59 25.80
N ILE E 128 -2.56 -9.86 26.65
CA ILE E 128 -2.98 -8.50 26.32
C ILE E 128 -1.77 -7.57 26.34
N TRP E 129 -0.89 -7.73 27.32
CA TRP E 129 0.30 -6.88 27.36
C TRP E 129 1.20 -7.13 26.15
N TYR E 130 1.33 -8.39 25.75
CA TYR E 130 2.20 -8.74 24.63
C TYR E 130 1.70 -8.11 23.33
N ARG E 131 0.39 -7.94 23.23
CA ARG E 131 -0.19 -7.38 22.00
C ARG E 131 -0.13 -5.89 22.02
N CYS E 132 -0.97 -5.26 22.80
CA CYS E 132 -1.02 -3.80 22.75
C CYS E 132 -0.13 -3.09 23.77
N HIS E 133 0.58 -3.68 24.68
CA HIS E 133 1.41 -2.71 25.38
C HIS E 133 2.88 -2.96 25.21
N ARG E 134 3.23 -4.01 24.51
CA ARG E 134 4.64 -4.30 24.35
C ARG E 134 5.31 -3.27 23.45
N PRO E 135 6.40 -2.65 23.92
CA PRO E 135 7.05 -1.61 23.13
C PRO E 135 7.73 -2.17 21.89
N THR E 136 7.69 -1.41 20.84
CA THR E 136 8.32 -1.87 19.65
C THR E 136 9.81 -1.82 19.75
N HIS E 137 10.47 -2.58 18.91
CA HIS E 137 11.92 -2.72 18.90
C HIS E 137 12.49 -3.17 20.24
N LEU E 138 11.70 -3.81 21.09
CA LEU E 138 12.24 -4.38 22.32
C LEU E 138 13.23 -5.51 22.00
N SER E 139 12.87 -6.36 21.05
CA SER E 139 13.73 -7.49 20.69
C SER E 139 15.07 -6.99 20.15
N ALA E 140 15.04 -5.95 19.33
CA ALA E 140 16.28 -5.38 18.81
C ALA E 140 17.16 -4.83 19.93
N VAL E 141 16.54 -4.24 20.95
CA VAL E 141 17.30 -3.74 22.09
C VAL E 141 17.96 -4.88 22.84
N VAL E 142 17.22 -5.97 23.08
CA VAL E 142 17.77 -7.07 23.85
C VAL E 142 18.65 -7.98 23.02
N CYS E 143 18.56 -7.92 21.68
CA CYS E 143 19.44 -8.73 20.85
C CYS E 143 20.85 -8.16 20.82
N VAL E 144 20.96 -6.83 20.72
CA VAL E 144 22.28 -6.19 20.78
C VAL E 144 22.82 -6.18 22.20
N LEU E 145 21.95 -6.35 23.21
CA LEU E 145 22.42 -6.43 24.58
C LEU E 145 23.07 -7.78 24.85
N LEU E 146 22.53 -8.83 24.23
CA LEU E 146 23.12 -10.15 24.39
C LEU E 146 24.50 -10.16 23.74
N TRP E 147 24.63 -9.49 22.61
CA TRP E 147 25.89 -9.49 21.88
C TRP E 147 27.02 -8.94 22.74
N ALA E 148 26.75 -7.88 23.51
CA ALA E 148 27.77 -7.31 24.36
C ALA E 148 28.19 -8.28 25.46
N LEU E 149 27.25 -8.74 26.23
CA LEU E 149 27.68 -9.54 27.34
C LEU E 149 28.65 -10.59 26.84
N SER E 150 28.32 -11.25 25.78
CA SER E 150 29.17 -12.29 25.23
C SER E 150 30.59 -11.83 24.94
N LEU E 151 30.76 -10.64 24.32
CA LEU E 151 32.10 -10.11 24.06
C LEU E 151 32.81 -9.89 25.33
N LEU E 152 32.16 -9.21 26.25
CA LEU E 152 32.85 -8.86 27.45
C LEU E 152 33.40 -10.10 28.10
N ARG E 153 32.64 -11.15 28.26
CA ARG E 153 33.22 -12.27 28.95
C ARG E 153 34.31 -12.86 28.15
N SER E 154 34.33 -12.64 26.84
CA SER E 154 35.42 -13.35 26.15
C SER E 154 36.77 -12.70 26.45
N ILE E 155 36.77 -11.37 26.60
CA ILE E 155 37.97 -10.60 26.87
C ILE E 155 38.53 -10.89 28.20
N LEU E 156 37.69 -11.03 29.18
CA LEU E 156 38.15 -11.25 30.56
C LEU E 156 38.85 -12.59 30.71
N GLU E 157 38.58 -13.51 29.79
CA GLU E 157 39.28 -14.78 29.82
C GLU E 157 40.62 -14.52 29.14
N TRP E 158 40.70 -13.47 28.34
CA TRP E 158 41.98 -13.07 27.74
C TRP E 158 42.73 -12.12 28.65
N MET E 159 42.03 -11.50 29.59
CA MET E 159 42.70 -10.65 30.57
C MET E 159 43.24 -11.58 31.64
N LEU E 160 42.62 -12.75 31.79
CA LEU E 160 43.08 -13.73 32.75
C LEU E 160 44.44 -14.20 32.27
N CYS E 161 44.75 -13.95 31.01
CA CYS E 161 46.01 -14.46 30.45
C CYS E 161 47.17 -13.47 30.27
N GLY E 162 47.15 -12.68 29.22
CA GLY E 162 48.23 -11.74 28.94
C GLY E 162 48.91 -11.26 30.19
N GLN E 174 42.01 -14.83 36.23
CA GLN E 174 42.45 -15.90 37.09
C GLN E 174 41.31 -16.89 37.20
N THR E 175 40.75 -17.10 38.38
CA THR E 175 39.59 -17.96 38.45
C THR E 175 38.44 -17.13 37.98
N SER E 176 38.09 -17.28 36.72
CA SER E 176 37.00 -16.54 36.17
C SER E 176 36.08 -17.57 35.70
N ASP E 177 36.56 -18.77 35.63
CA ASP E 177 35.75 -19.82 35.10
C ASP E 177 34.55 -20.07 35.96
N PHE E 178 34.70 -20.04 37.27
CA PHE E 178 33.55 -20.17 38.10
C PHE E 178 32.44 -19.30 37.53
N ILE E 179 32.68 -18.02 37.42
CA ILE E 179 31.73 -17.16 36.78
C ILE E 179 31.20 -17.74 35.50
N THR E 180 32.05 -18.33 34.65
CA THR E 180 31.53 -18.77 33.37
C THR E 180 30.65 -19.97 33.55
N VAL E 181 31.18 -21.01 34.15
CA VAL E 181 30.44 -22.20 34.56
C VAL E 181 29.13 -21.80 35.23
N ALA E 182 29.18 -20.79 36.11
CA ALA E 182 27.98 -20.38 36.85
C ALA E 182 26.97 -19.66 35.96
N TRP E 183 27.44 -18.89 34.98
CA TRP E 183 26.53 -18.25 34.05
C TRP E 183 25.95 -19.22 33.03
N LEU E 184 26.63 -20.36 32.79
CA LEU E 184 26.09 -21.37 31.89
C LEU E 184 24.90 -22.09 32.51
N ILE E 185 24.97 -22.39 33.81
CA ILE E 185 23.85 -23.06 34.46
C ILE E 185 22.71 -22.09 34.76
N PHE E 186 22.96 -20.78 34.67
CA PHE E 186 21.87 -19.82 34.77
C PHE E 186 20.92 -19.96 33.59
N LEU E 187 21.47 -20.06 32.37
CA LEU E 187 20.63 -20.23 31.20
C LEU E 187 19.96 -21.59 31.15
N CYS E 188 20.51 -22.59 31.85
CA CYS E 188 19.89 -23.90 31.88
C CYS E 188 18.57 -23.86 32.63
N VAL E 189 18.53 -23.16 33.77
CA VAL E 189 17.29 -23.06 34.54
C VAL E 189 16.40 -21.92 34.05
N VAL E 190 16.95 -20.95 33.32
CA VAL E 190 16.12 -19.94 32.69
C VAL E 190 15.32 -20.54 31.54
N LEU E 191 15.94 -21.45 30.79
CA LEU E 191 15.26 -22.04 29.64
C LEU E 191 14.19 -23.04 30.09
N CYS E 192 14.61 -24.12 30.75
CA CYS E 192 13.65 -25.16 31.13
C CYS E 192 12.77 -24.71 32.28
N GLY E 193 13.26 -23.81 33.13
CA GLY E 193 12.45 -23.29 34.22
C GLY E 193 11.41 -22.28 33.78
N SER E 194 11.43 -21.87 32.51
CA SER E 194 10.39 -21.04 31.94
C SER E 194 9.73 -21.67 30.73
N SER E 195 10.14 -22.88 30.34
CA SER E 195 9.49 -23.63 29.28
C SER E 195 8.67 -24.80 29.79
N LEU E 196 8.61 -24.99 31.11
CA LEU E 196 7.61 -25.87 31.71
C LEU E 196 6.41 -25.10 32.25
N VAL E 197 6.59 -23.82 32.57
CA VAL E 197 5.44 -22.96 32.89
C VAL E 197 4.52 -22.88 31.68
N LEU E 198 5.08 -22.84 30.48
CA LEU E 198 4.29 -22.83 29.26
C LEU E 198 3.43 -24.07 29.10
N LEU E 199 3.79 -25.17 29.78
CA LEU E 199 2.98 -26.38 29.76
C LEU E 199 1.89 -26.36 30.83
N ILE E 200 2.20 -25.92 32.05
CA ILE E 200 1.19 -25.80 33.09
C ILE E 200 0.29 -24.56 32.99
N ARG E 201 0.39 -23.78 31.94
CA ARG E 201 -0.46 -22.64 31.77
C ARG E 201 -1.15 -22.92 30.53
N ILE E 202 -1.14 -24.18 30.12
CA ILE E 202 -1.83 -24.59 28.92
C ILE E 202 -2.50 -25.88 29.22
N LEU E 203 -1.74 -26.84 29.68
CA LEU E 203 -2.33 -28.11 30.07
C LEU E 203 -3.23 -27.94 31.26
N CYS E 204 -3.21 -26.75 31.85
CA CYS E 204 -4.04 -26.46 33.01
C CYS E 204 -4.49 -25.00 32.99
N LEU E 211 -3.58 -29.11 20.48
CA LEU E 211 -2.96 -28.89 21.77
C LEU E 211 -1.89 -29.93 22.04
N THR E 212 -2.10 -31.16 21.58
CA THR E 212 -1.13 -32.24 21.83
C THR E 212 -0.05 -32.26 20.78
N ARG E 213 -0.17 -31.46 19.74
CA ARG E 213 0.90 -31.36 18.75
C ARG E 213 1.72 -30.16 19.11
N LEU E 214 1.66 -29.80 20.37
CA LEU E 214 2.37 -28.64 20.83
C LEU E 214 3.15 -29.21 21.92
N TYR E 215 2.49 -29.84 22.89
CA TYR E 215 3.18 -30.45 24.03
C TYR E 215 4.49 -31.13 23.63
N VAL E 216 4.48 -31.85 22.51
CA VAL E 216 5.68 -32.54 22.04
C VAL E 216 6.82 -31.58 21.70
N THR E 217 6.50 -30.46 21.05
CA THR E 217 7.51 -29.48 20.69
C THR E 217 8.28 -28.98 21.90
N ILE E 218 7.58 -28.56 22.95
CA ILE E 218 8.28 -28.17 24.16
C ILE E 218 9.19 -29.27 24.72
N LEU E 219 8.98 -30.57 24.59
CA LEU E 219 9.99 -31.54 25.15
C LEU E 219 11.04 -31.85 24.11
N LEU E 220 10.79 -31.51 22.87
CA LEU E 220 11.74 -31.64 21.77
C LEU E 220 12.86 -30.63 21.89
N THR E 221 12.52 -29.34 22.06
CA THR E 221 13.54 -28.30 22.07
C THR E 221 14.32 -28.27 23.37
N VAL E 222 13.66 -28.55 24.49
CA VAL E 222 14.35 -28.52 25.79
C VAL E 222 15.42 -29.60 25.83
N LEU E 223 15.09 -30.79 25.33
CA LEU E 223 16.06 -31.88 25.33
C LEU E 223 17.25 -31.58 24.44
N VAL E 224 17.00 -30.99 23.26
CA VAL E 224 18.09 -30.70 22.33
C VAL E 224 19.06 -29.70 22.94
N PHE E 225 18.54 -28.65 23.59
CA PHE E 225 19.42 -27.66 24.20
C PHE E 225 20.20 -28.22 25.38
N LEU E 226 19.69 -29.29 25.98
CA LEU E 226 20.34 -29.84 27.18
C LEU E 226 21.15 -31.10 26.95
N LEU E 227 20.61 -32.09 26.28
CA LEU E 227 21.31 -33.36 26.07
C LEU E 227 22.52 -33.21 25.16
N CYS E 228 22.44 -32.31 24.18
CA CYS E 228 23.59 -32.08 23.31
C CYS E 228 23.99 -30.61 23.26
N GLY E 229 23.70 -29.85 24.31
CA GLY E 229 24.06 -28.45 24.39
C GLY E 229 25.16 -28.19 25.39
N LEU E 230 24.77 -27.84 26.62
CA LEU E 230 25.65 -27.56 27.75
C LEU E 230 26.81 -28.52 27.94
N PRO E 231 26.68 -29.84 27.65
CA PRO E 231 27.83 -30.75 27.79
C PRO E 231 29.17 -30.19 27.33
N PHE E 232 29.20 -29.51 26.18
CA PHE E 232 30.47 -28.97 25.69
C PHE E 232 31.02 -27.89 26.62
N GLY E 233 30.25 -26.98 27.07
CA GLY E 233 30.86 -25.94 27.86
C GLY E 233 30.90 -26.19 29.34
N ILE E 234 30.17 -27.18 29.79
CA ILE E 234 30.16 -27.51 31.18
C ILE E 234 31.30 -28.41 31.30
N GLN E 235 31.98 -28.71 30.20
CA GLN E 235 33.11 -29.68 30.22
C GLN E 235 34.47 -29.09 30.06
N PHE E 236 34.62 -28.09 29.24
CA PHE E 236 35.92 -27.58 28.95
C PHE E 236 36.41 -26.98 30.18
N PHE E 237 35.70 -25.98 30.63
CA PHE E 237 36.07 -25.25 31.81
C PHE E 237 36.02 -26.16 32.97
N LEU E 238 35.37 -27.28 32.86
CA LEU E 238 35.32 -28.07 34.04
C LEU E 238 36.71 -28.42 34.34
N PHE E 239 37.44 -28.76 33.33
CA PHE E 239 38.65 -29.47 33.61
C PHE E 239 39.90 -28.68 33.51
N LEU E 240 39.75 -27.38 33.40
CA LEU E 240 40.94 -26.55 33.42
C LEU E 240 41.34 -26.32 34.85
N TRP E 241 40.35 -26.25 35.73
CA TRP E 241 40.59 -26.07 37.15
C TRP E 241 41.56 -24.92 37.47
N PHE E 250 39.11 -41.18 30.41
CA PHE E 250 39.81 -40.06 30.99
C PHE E 250 39.47 -38.82 30.19
N CYS E 251 39.51 -38.86 28.86
CA CYS E 251 39.29 -37.60 28.12
C CYS E 251 38.76 -37.66 26.68
N HIS E 252 38.31 -38.83 26.21
CA HIS E 252 37.71 -38.86 24.88
C HIS E 252 36.46 -38.02 25.06
N VAL E 253 36.16 -37.69 26.30
CA VAL E 253 34.99 -36.89 26.62
C VAL E 253 35.05 -35.63 25.82
N HIS E 254 36.23 -35.11 25.54
CA HIS E 254 36.26 -33.92 24.70
C HIS E 254 35.74 -34.25 23.37
N LEU E 255 36.35 -35.21 22.69
CA LEU E 255 35.96 -35.55 21.32
C LEU E 255 34.47 -35.75 21.10
N VAL E 256 33.84 -36.54 21.95
CA VAL E 256 32.42 -36.82 21.80
C VAL E 256 31.61 -35.54 21.94
N SER E 257 32.02 -34.67 22.85
CA SER E 257 31.26 -33.45 23.09
C SER E 257 31.27 -32.38 22.01
N ILE E 258 32.36 -32.24 21.24
CA ILE E 258 32.36 -31.18 20.29
C ILE E 258 31.51 -31.59 19.12
N PHE E 259 31.29 -32.88 18.94
CA PHE E 259 30.43 -33.35 17.88
C PHE E 259 29.06 -32.86 18.23
N LEU E 260 28.60 -33.29 19.39
CA LEU E 260 27.27 -32.90 19.86
C LEU E 260 27.09 -31.39 19.77
N SER E 261 28.12 -30.63 20.16
CA SER E 261 28.03 -29.18 20.07
C SER E 261 27.92 -28.71 18.63
N ALA E 262 28.47 -29.48 17.68
CA ALA E 262 28.27 -29.20 16.27
C ALA E 262 26.95 -29.73 15.74
N LEU E 263 26.27 -30.58 16.52
CA LEU E 263 24.97 -31.11 16.16
C LEU E 263 23.85 -30.23 16.71
N ASN E 264 24.03 -29.62 17.84
CA ASN E 264 22.99 -28.77 18.38
C ASN E 264 22.91 -27.59 17.46
N SER E 265 24.03 -26.96 17.22
CA SER E 265 24.01 -25.74 16.43
C SER E 265 23.64 -25.98 14.97
N SER E 266 23.58 -27.24 14.54
CA SER E 266 23.24 -27.53 13.15
C SER E 266 21.73 -27.49 12.94
N ALA E 267 20.98 -28.25 13.73
CA ALA E 267 19.53 -28.35 13.56
C ALA E 267 18.79 -27.29 14.37
N ASN E 268 19.22 -26.04 14.25
CA ASN E 268 18.47 -24.92 14.79
C ASN E 268 17.34 -24.51 13.86
N PRO E 269 17.61 -24.21 12.58
CA PRO E 269 16.50 -23.79 11.70
C PRO E 269 15.53 -24.90 11.38
N ILE E 270 15.97 -26.14 11.51
CA ILE E 270 15.11 -27.28 11.24
C ILE E 270 13.89 -27.20 12.13
N ILE E 271 14.01 -26.54 13.27
CA ILE E 271 12.90 -26.45 14.19
C ILE E 271 12.43 -25.03 14.50
N TYR E 272 13.37 -24.10 14.74
CA TYR E 272 12.91 -22.80 15.14
C TYR E 272 12.42 -22.16 13.89
N PHE E 273 12.63 -22.77 12.73
CA PHE E 273 12.23 -22.13 11.44
C PHE E 273 11.57 -22.95 10.39
N PHE E 274 12.03 -24.16 10.16
CA PHE E 274 11.54 -24.92 9.06
C PHE E 274 10.37 -25.76 9.40
N VAL E 275 10.34 -26.28 10.60
CA VAL E 275 9.24 -27.14 10.93
C VAL E 275 8.06 -26.21 10.96
N GLY E 276 8.33 -24.93 10.82
CA GLY E 276 7.27 -23.96 10.87
C GLY E 276 7.17 -23.24 9.56
N SER E 277 8.05 -23.58 8.64
CA SER E 277 7.98 -22.99 7.31
C SER E 277 6.76 -23.53 6.61
N PHE E 278 6.48 -24.81 6.83
CA PHE E 278 5.30 -25.41 6.24
C PHE E 278 4.05 -24.93 6.95
N VAL F 39 -1.91 32.07 3.14
CA VAL F 39 -0.49 31.93 3.38
C VAL F 39 0.10 33.29 3.78
N GLN F 40 0.89 33.30 4.85
CA GLN F 40 1.40 34.54 5.41
C GLN F 40 2.70 34.26 6.15
N LEU F 41 3.65 35.19 6.05
CA LEU F 41 4.91 35.11 6.78
C LEU F 41 5.23 36.50 7.30
N VAL F 42 5.39 36.63 8.62
CA VAL F 42 5.70 37.90 9.26
C VAL F 42 6.98 37.70 10.07
N GLU F 43 7.92 38.61 9.91
CA GLU F 43 9.18 38.53 10.60
C GLU F 43 9.47 39.75 11.39
N SER F 44 10.17 39.61 12.50
CA SER F 44 10.53 40.72 13.36
C SER F 44 11.76 40.34 14.17
N GLY F 45 12.43 41.36 14.71
CA GLY F 45 13.57 41.14 15.57
C GLY F 45 14.73 42.07 15.31
N GLY F 46 14.76 42.68 14.13
CA GLY F 46 15.88 43.51 13.75
C GLY F 46 15.90 44.85 14.45
N GLY F 47 17.00 45.56 14.27
CA GLY F 47 17.14 46.88 14.85
C GLY F 47 18.60 47.28 14.95
N LEU F 48 18.82 48.40 15.63
CA LEU F 48 20.16 48.93 15.81
C LEU F 48 20.97 48.01 16.72
N VAL F 49 22.23 47.80 16.36
CA VAL F 49 23.11 46.87 17.07
C VAL F 49 24.53 47.42 17.01
N GLN F 50 25.32 47.18 18.11
CA GLN F 50 26.74 47.52 18.08
C GLN F 50 27.56 46.32 17.65
N PRO F 51 28.70 46.53 17.00
CA PRO F 51 29.52 45.40 16.53
C PRO F 51 29.93 44.49 17.67
N GLY F 52 29.92 43.19 17.39
CA GLY F 52 30.23 42.18 18.38
C GLY F 52 29.06 41.72 19.22
N GLY F 53 27.89 42.33 19.06
CA GLY F 53 26.72 42.00 19.84
C GLY F 53 26.04 40.74 19.38
N SER F 54 24.74 40.65 19.63
CA SER F 54 23.95 39.49 19.26
C SER F 54 22.51 39.93 19.01
N ARG F 55 21.79 39.10 18.25
CA ARG F 55 20.39 39.37 17.95
C ARG F 55 19.73 38.07 17.57
N LYS F 56 18.39 38.06 17.64
CA LYS F 56 17.61 36.89 17.29
C LYS F 56 16.41 37.32 16.45
N LEU F 57 16.21 36.70 15.30
CA LEU F 57 15.11 37.02 14.39
C LEU F 57 14.10 35.88 14.40
N SER F 58 12.83 36.24 14.24
CA SER F 58 11.74 35.28 14.21
C SER F 58 10.93 35.47 12.94
N CYS F 59 10.19 34.42 12.57
CA CYS F 59 9.38 34.42 11.35
C CYS F 59 8.24 33.44 11.58
N SER F 60 7.04 33.96 11.85
CA SER F 60 5.90 33.16 12.23
C SER F 60 4.98 32.94 11.04
N ALA F 61 4.68 31.68 10.75
CA ALA F 61 3.84 31.32 9.62
C ALA F 61 2.37 31.31 10.01
N SER F 62 1.51 31.46 9.00
CA SER F 62 0.07 31.46 9.22
C SER F 62 -0.63 31.18 7.90
N GLY F 63 -1.36 30.06 7.83
CA GLY F 63 -2.18 29.77 6.69
C GLY F 63 -1.73 28.65 5.79
N PHE F 64 -0.67 27.92 6.15
CA PHE F 64 -0.23 26.79 5.36
C PHE F 64 0.37 25.74 6.29
N ALA F 65 0.54 24.54 5.76
CA ALA F 65 1.12 23.44 6.54
C ALA F 65 2.61 23.69 6.75
N PHE F 66 2.95 24.42 7.82
CA PHE F 66 4.32 24.88 8.01
C PHE F 66 5.31 23.72 8.12
N SER F 67 4.88 22.60 8.70
CA SER F 67 5.81 21.50 8.96
C SER F 67 6.28 20.79 7.70
N SER F 68 5.63 21.01 6.56
CA SER F 68 5.96 20.32 5.33
C SER F 68 6.88 21.11 4.40
N PHE F 69 7.33 22.30 4.82
CA PHE F 69 8.10 23.19 3.96
C PHE F 69 9.50 23.36 4.51
N GLY F 70 10.48 23.42 3.61
CA GLY F 70 11.80 23.87 3.96
C GLY F 70 11.90 25.38 3.86
N MET F 71 12.70 25.97 4.74
CA MET F 71 12.75 27.42 4.89
C MET F 71 14.17 27.93 4.68
N HIS F 72 14.28 29.08 4.00
CA HIS F 72 15.54 29.73 3.73
C HIS F 72 15.56 31.12 4.35
N TRP F 73 16.77 31.64 4.56
CA TRP F 73 16.98 33.05 4.88
C TRP F 73 17.78 33.68 3.76
N VAL F 74 17.27 34.78 3.21
CA VAL F 74 17.92 35.52 2.15
C VAL F 74 17.95 36.98 2.56
N ARG F 75 19.10 37.62 2.42
CA ARG F 75 19.26 39.01 2.81
C ARG F 75 19.65 39.85 1.62
N GLN F 76 19.36 41.14 1.70
CA GLN F 76 19.74 42.09 0.67
C GLN F 76 20.39 43.30 1.29
N ALA F 77 21.58 43.64 0.83
CA ALA F 77 22.30 44.78 1.35
C ALA F 77 21.56 46.07 1.00
N PRO F 78 21.95 47.19 1.68
CA PRO F 78 21.34 48.45 1.21
C PRO F 78 21.82 48.76 -0.19
N GLU F 79 20.90 49.01 -1.10
CA GLU F 79 21.24 49.25 -2.50
C GLU F 79 22.22 48.33 -3.17
N LYS F 80 22.10 47.03 -2.99
CA LYS F 80 22.96 46.13 -3.68
C LYS F 80 22.05 44.97 -3.83
N GLY F 81 22.56 43.81 -4.15
CA GLY F 81 21.60 42.75 -4.40
C GLY F 81 21.28 41.69 -3.41
N LEU F 82 20.85 40.55 -3.87
CA LEU F 82 20.40 39.50 -3.00
C LEU F 82 21.43 38.44 -2.61
N GLU F 83 21.32 37.85 -1.40
CA GLU F 83 22.35 36.91 -0.97
C GLU F 83 21.71 35.88 -0.06
N TRP F 84 21.93 34.60 -0.37
CA TRP F 84 21.40 33.51 0.44
C TRP F 84 22.20 33.39 1.73
N VAL F 85 21.53 32.93 2.80
CA VAL F 85 22.14 32.90 4.11
C VAL F 85 22.18 31.49 4.69
N ALA F 86 21.02 30.86 4.84
CA ALA F 86 20.97 29.56 5.49
C ALA F 86 19.71 28.81 5.06
N TYR F 87 19.68 27.51 5.34
CA TYR F 87 18.58 26.63 4.97
C TYR F 87 18.38 25.60 6.07
N ILE F 88 17.12 25.23 6.30
CA ILE F 88 16.82 24.20 7.29
C ILE F 88 15.90 23.18 6.64
N SER F 89 16.12 21.90 6.93
CA SER F 89 15.31 20.85 6.30
C SER F 89 13.88 20.81 6.81
N SER F 90 12.99 20.23 6.03
CA SER F 90 11.61 20.09 6.46
C SER F 90 11.57 19.40 7.81
N GLY F 91 12.14 18.20 7.89
CA GLY F 91 12.19 17.51 9.17
C GLY F 91 13.26 18.02 10.10
N SER F 92 13.86 19.17 9.82
CA SER F 92 14.97 19.73 10.58
C SER F 92 16.15 18.78 10.64
N GLY F 93 16.32 17.98 9.60
CA GLY F 93 17.41 17.02 9.55
C GLY F 93 18.50 17.38 8.58
N THR F 94 18.50 18.62 8.10
CA THR F 94 19.49 19.07 7.13
C THR F 94 19.60 20.58 7.21
N ILE F 95 20.83 21.07 7.38
CA ILE F 95 21.10 22.50 7.53
C ILE F 95 22.29 22.87 6.66
N TYR F 96 22.19 24.01 5.97
CA TYR F 96 23.29 24.53 5.17
C TYR F 96 23.50 26.00 5.52
N TYR F 97 24.75 26.44 5.43
CA TYR F 97 25.11 27.81 5.72
C TYR F 97 26.01 28.36 4.62
N ALA F 98 25.90 29.66 4.38
CA ALA F 98 26.87 30.35 3.55
C ALA F 98 28.22 30.38 4.26
N ASP F 99 29.30 30.45 3.48
CA ASP F 99 30.63 30.44 4.06
C ASP F 99 30.93 31.72 4.84
N THR F 100 30.18 32.80 4.60
CA THR F 100 30.44 34.07 5.25
C THR F 100 29.76 34.22 6.60
N VAL F 101 28.88 33.30 6.98
CA VAL F 101 28.16 33.42 8.24
C VAL F 101 28.28 32.12 9.03
N LYS F 102 29.12 31.21 8.56
CA LYS F 102 29.30 29.94 9.26
C LYS F 102 29.89 30.16 10.63
N GLY F 103 29.42 29.40 11.60
CA GLY F 103 29.84 29.54 12.98
C GLY F 103 29.06 30.57 13.78
N ARG F 104 28.96 31.79 13.26
CA ARG F 104 28.26 32.84 13.98
C ARG F 104 26.75 32.64 13.95
N PHE F 105 26.22 32.15 12.85
CA PHE F 105 24.78 32.03 12.64
C PHE F 105 24.35 30.58 12.83
N THR F 106 23.16 30.39 13.39
CA THR F 106 22.58 29.06 13.53
C THR F 106 21.08 29.16 13.34
N ILE F 107 20.52 28.23 12.57
CA ILE F 107 19.12 28.26 12.18
C ILE F 107 18.37 27.16 12.91
N SER F 108 17.09 27.40 13.18
CA SER F 108 16.26 26.44 13.87
C SER F 108 14.80 26.76 13.61
N ARG F 109 13.94 25.75 13.83
CA ARG F 109 12.50 25.89 13.64
C ARG F 109 11.76 25.23 14.79
N ASP F 110 10.53 25.69 15.03
CA ASP F 110 9.66 25.17 16.10
C ASP F 110 8.31 24.85 15.47
N ASP F 111 8.15 23.61 15.02
CA ASP F 111 6.93 23.22 14.31
C ASP F 111 5.67 23.30 15.16
N PRO F 112 5.68 22.88 16.46
CA PRO F 112 4.41 23.10 17.17
C PRO F 112 3.96 24.58 17.22
N LYS F 113 4.86 25.55 17.35
CA LYS F 113 4.45 26.95 17.40
C LYS F 113 4.43 27.62 16.03
N ASN F 114 4.93 26.94 15.00
CA ASN F 114 5.01 27.48 13.63
C ASN F 114 5.84 28.77 13.60
N THR F 115 7.12 28.63 13.94
CA THR F 115 8.02 29.77 14.01
C THR F 115 9.42 29.34 13.59
N LEU F 116 10.11 30.23 12.89
CA LEU F 116 11.48 30.03 12.42
C LEU F 116 12.39 31.06 13.05
N PHE F 117 13.58 30.62 13.46
CA PHE F 117 14.52 31.49 14.16
C PHE F 117 15.84 31.60 13.40
N LEU F 118 16.64 32.58 13.81
CA LEU F 118 18.00 32.74 13.33
C LEU F 118 18.80 33.42 14.43
N GLN F 119 19.71 32.69 15.05
CA GLN F 119 20.57 33.23 16.10
C GLN F 119 21.87 33.69 15.49
N MET F 120 22.22 34.95 15.77
CA MET F 120 23.38 35.56 15.17
C MET F 120 24.22 36.17 16.23
N THR F 121 25.53 35.97 16.17
CA THR F 121 26.45 36.43 17.20
C THR F 121 27.69 37.03 16.54
N SER F 122 28.37 37.90 17.29
CA SER F 122 29.58 38.59 16.83
C SER F 122 29.34 39.28 15.49
N LEU F 123 28.42 40.23 15.51
CA LEU F 123 27.94 40.85 14.27
C LEU F 123 28.96 41.86 13.76
N ARG F 124 29.42 41.66 12.53
CA ARG F 124 30.35 42.57 11.89
C ARG F 124 29.61 43.76 11.30
N SER F 125 30.30 44.77 10.81
CA SER F 125 29.60 45.88 10.16
C SER F 125 29.12 45.64 8.75
N GLU F 126 29.20 44.41 8.29
CA GLU F 126 28.79 44.06 6.95
C GLU F 126 27.80 42.97 7.07
N ASP F 127 26.81 43.14 7.95
CA ASP F 127 25.76 42.17 8.12
C ASP F 127 24.53 43.01 8.22
N THR F 128 24.67 44.31 8.05
CA THR F 128 23.52 45.20 8.03
C THR F 128 22.81 45.03 6.69
N ALA F 129 21.59 44.51 6.72
CA ALA F 129 20.84 44.21 5.51
C ALA F 129 19.35 44.17 5.87
N MET F 130 18.54 43.63 4.96
CA MET F 130 17.14 43.33 5.20
C MET F 130 16.93 41.85 4.94
N TYR F 131 16.58 41.10 5.98
CA TYR F 131 16.51 39.65 5.91
C TYR F 131 15.10 39.21 5.51
N TYR F 132 15.03 38.13 4.74
CA TYR F 132 13.78 37.62 4.20
C TYR F 132 13.56 36.18 4.62
N CYS F 133 12.29 35.80 4.66
CA CYS F 133 11.86 34.46 5.04
C CYS F 133 11.19 33.83 3.82
N VAL F 134 11.74 32.71 3.35
CA VAL F 134 11.30 32.07 2.13
C VAL F 134 10.98 30.61 2.42
N ARG F 135 9.86 30.13 1.85
CA ARG F 135 9.43 28.75 1.99
C ARG F 135 9.57 28.02 0.66
N SER F 136 9.94 26.74 0.73
CA SER F 136 10.12 25.96 -0.49
C SER F 136 9.82 24.49 -0.20
N ILE F 137 9.16 23.82 -1.14
CA ILE F 137 8.80 22.42 -1.01
C ILE F 137 9.32 21.67 -2.22
N TYR F 138 9.79 20.44 -2.00
CA TYR F 138 10.51 19.68 -3.02
C TYR F 138 9.85 18.33 -3.23
N TYR F 139 9.20 18.15 -4.38
CA TYR F 139 8.77 16.85 -4.87
C TYR F 139 8.69 16.96 -6.38
N TYR F 140 8.38 15.85 -7.03
CA TYR F 140 8.34 15.85 -8.50
C TYR F 140 7.21 16.74 -8.99
N GLY F 141 7.56 17.89 -9.55
CA GLY F 141 6.59 18.81 -10.09
C GLY F 141 6.29 20.03 -9.24
N SER F 142 6.98 20.20 -8.12
CA SER F 142 6.73 21.33 -7.24
C SER F 142 7.34 22.61 -7.81
N SER F 143 7.15 23.72 -7.10
CA SER F 143 7.71 25.01 -7.46
C SER F 143 8.29 25.65 -6.21
N PRO F 144 9.58 25.48 -5.96
CA PRO F 144 10.20 26.04 -4.76
C PRO F 144 10.36 27.55 -4.86
N PHE F 145 10.66 28.17 -3.70
CA PHE F 145 10.95 29.60 -3.59
C PHE F 145 9.76 30.45 -4.00
N ASP F 146 8.55 29.94 -3.82
CA ASP F 146 7.36 30.57 -4.39
C ASP F 146 6.78 31.69 -3.54
N PHE F 147 6.91 31.64 -2.22
CA PHE F 147 6.37 32.67 -1.35
C PHE F 147 7.45 33.24 -0.44
N TRP F 148 7.63 34.55 -0.49
CA TRP F 148 8.63 35.25 0.31
C TRP F 148 7.94 36.06 1.40
N GLY F 149 8.64 36.23 2.52
CA GLY F 149 8.12 37.02 3.61
C GLY F 149 8.08 38.51 3.28
N GLN F 150 7.97 39.35 4.31
CA GLN F 150 7.91 40.79 4.11
C GLN F 150 9.22 41.50 4.38
N GLY F 151 10.12 40.92 5.17
CA GLY F 151 11.43 41.49 5.38
C GLY F 151 11.57 42.32 6.65
N THR F 152 12.62 42.06 7.42
CA THR F 152 12.92 42.83 8.62
C THR F 152 14.33 43.41 8.50
N THR F 153 14.46 44.70 8.81
CA THR F 153 15.71 45.41 8.62
C THR F 153 16.62 45.26 9.83
N LEU F 154 17.92 45.35 9.58
CA LEU F 154 18.94 45.18 10.60
C LEU F 154 20.08 46.13 10.27
N THR F 155 20.40 47.02 11.20
CA THR F 155 21.52 47.94 11.05
C THR F 155 22.46 47.77 12.23
N VAL F 156 23.74 47.60 11.95
CA VAL F 156 24.75 47.49 12.98
C VAL F 156 25.62 48.73 12.96
N SER F 157 26.47 48.85 13.98
CA SER F 157 27.33 50.02 14.18
C SER F 157 26.49 51.29 14.30
N ALA F 174 34.67 27.03 -7.72
CA ALA F 174 34.00 26.25 -6.69
C ALA F 174 32.54 26.66 -6.58
N ASP F 175 32.27 27.97 -6.52
CA ASP F 175 30.92 28.47 -6.40
C ASP F 175 30.48 29.09 -7.70
N ILE F 176 29.35 28.66 -8.24
CA ILE F 176 28.95 29.12 -9.55
C ILE F 176 28.64 30.57 -9.59
N VAL F 177 29.15 31.26 -10.58
CA VAL F 177 28.91 32.66 -10.75
C VAL F 177 27.90 32.89 -11.82
N MET F 178 27.05 33.91 -11.66
CA MET F 178 26.01 34.16 -12.60
C MET F 178 26.15 35.53 -13.14
N THR F 179 26.73 35.65 -14.34
CA THR F 179 26.98 36.96 -14.94
C THR F 179 25.71 37.58 -15.50
N GLN F 180 25.24 38.65 -14.85
CA GLN F 180 24.02 39.32 -15.31
C GLN F 180 24.31 40.23 -16.50
N ALA F 181 23.28 40.63 -17.25
CA ALA F 181 23.44 41.50 -18.41
C ALA F 181 23.55 42.95 -17.99
N THR F 182 23.46 43.88 -18.93
CA THR F 182 23.65 45.29 -18.60
C THR F 182 22.69 45.68 -17.49
N SER F 183 23.21 46.38 -16.49
CA SER F 183 22.39 46.72 -15.34
C SER F 183 21.17 47.58 -15.62
N SER F 184 21.10 48.21 -16.79
CA SER F 184 19.98 49.11 -17.02
C SER F 184 19.46 49.13 -18.43
N VAL F 185 18.18 48.85 -18.60
CA VAL F 185 17.58 48.84 -19.92
C VAL F 185 16.45 49.86 -19.98
N PRO F 186 16.58 50.92 -20.79
CA PRO F 186 15.48 51.87 -20.96
C PRO F 186 14.31 51.28 -21.71
N VAL F 187 13.07 51.61 -21.32
CA VAL F 187 11.92 50.97 -21.96
C VAL F 187 10.65 51.79 -22.01
N THR F 188 9.81 51.56 -23.01
CA THR F 188 8.52 52.21 -23.09
C THR F 188 7.42 51.15 -23.12
N PRO F 189 6.20 51.50 -22.72
CA PRO F 189 5.11 50.52 -22.77
C PRO F 189 4.85 50.03 -24.17
N GLY F 190 4.37 48.79 -24.27
CA GLY F 190 4.05 48.18 -25.54
C GLY F 190 5.16 47.33 -26.13
N GLU F 191 6.35 47.89 -26.27
CA GLU F 191 7.46 47.16 -26.88
C GLU F 191 7.89 45.99 -26.01
N SER F 192 8.42 44.96 -26.66
CA SER F 192 8.87 43.75 -25.98
C SER F 192 10.38 43.78 -25.81
N VAL F 193 10.86 43.30 -24.66
CA VAL F 193 12.28 43.33 -24.33
C VAL F 193 12.72 41.93 -23.92
N SER F 194 14.03 41.74 -23.87
CA SER F 194 14.63 40.47 -23.49
C SER F 194 15.70 40.71 -22.43
N ILE F 195 15.83 39.75 -21.53
CA ILE F 195 16.76 39.81 -20.42
C ILE F 195 17.63 38.57 -20.46
N SER F 196 18.94 38.75 -20.34
CA SER F 196 19.89 37.67 -20.54
C SER F 196 20.71 37.43 -19.29
N CYS F 197 20.77 36.18 -18.86
CA CYS F 197 21.66 35.74 -17.80
C CYS F 197 22.72 34.81 -18.38
N ARG F 198 23.86 34.66 -17.72
CA ARG F 198 24.94 33.77 -18.19
C ARG F 198 25.72 33.08 -17.08
N SER F 199 25.87 31.77 -17.09
CA SER F 199 26.51 31.12 -15.97
C SER F 199 27.93 30.70 -16.16
N SER F 200 28.62 30.37 -15.08
CA SER F 200 29.98 29.87 -15.24
C SER F 200 30.05 28.35 -15.19
N LYS F 201 28.91 27.67 -15.35
CA LYS F 201 28.85 26.22 -15.30
C LYS F 201 27.51 25.81 -15.88
N SER F 202 27.49 24.68 -16.58
CA SER F 202 26.26 24.22 -17.21
C SER F 202 25.29 23.73 -16.13
N LEU F 203 24.10 24.33 -16.10
CA LEU F 203 23.07 23.99 -15.14
C LEU F 203 22.18 22.83 -15.58
N LEU F 204 22.46 22.25 -16.74
CA LEU F 204 21.69 21.11 -17.24
C LEU F 204 22.21 19.83 -16.59
N HIS F 205 21.40 19.22 -15.74
CA HIS F 205 21.76 17.98 -15.10
C HIS F 205 21.45 16.79 -16.02
N SER F 206 21.92 15.62 -15.61
CA SER F 206 21.73 14.40 -16.39
C SER F 206 20.31 13.87 -16.35
N ASN F 207 19.48 14.31 -15.40
CA ASN F 207 18.09 13.89 -15.37
C ASN F 207 17.20 14.71 -16.29
N GLY F 208 17.76 15.70 -16.99
CA GLY F 208 17.03 16.47 -17.96
C GLY F 208 16.60 17.85 -17.49
N ASN F 209 16.76 18.16 -16.21
CA ASN F 209 16.31 19.43 -15.65
C ASN F 209 17.40 20.48 -15.73
N THR F 210 17.00 21.71 -16.02
CA THR F 210 17.89 22.87 -15.95
C THR F 210 17.41 23.75 -14.80
N TYR F 211 18.30 24.00 -13.84
CA TYR F 211 17.92 24.64 -12.58
C TYR F 211 18.26 26.12 -12.64
N LEU F 212 17.35 26.89 -13.23
CA LEU F 212 17.46 28.33 -13.26
C LEU F 212 16.11 28.95 -12.89
N TYR F 213 16.15 30.00 -12.09
CA TYR F 213 14.95 30.63 -11.54
C TYR F 213 15.00 32.13 -11.81
N TRP F 214 13.83 32.71 -12.06
CA TRP F 214 13.70 34.14 -12.29
C TRP F 214 12.78 34.75 -11.24
N PHE F 215 13.19 35.89 -10.71
CA PHE F 215 12.44 36.60 -9.68
C PHE F 215 12.29 38.05 -10.09
N LEU F 216 11.21 38.68 -9.63
CA LEU F 216 10.97 40.09 -9.88
C LEU F 216 10.75 40.79 -8.54
N GLN F 217 11.44 41.90 -8.32
CA GLN F 217 11.27 42.72 -7.12
C GLN F 217 10.76 44.08 -7.55
N ARG F 218 9.49 44.35 -7.28
CA ARG F 218 8.90 45.63 -7.61
C ARG F 218 9.36 46.68 -6.62
N PRO F 219 9.33 47.96 -7.02
CA PRO F 219 9.84 49.01 -6.11
C PRO F 219 9.05 49.13 -4.82
N GLY F 220 9.68 48.79 -3.70
CA GLY F 220 9.05 48.84 -2.41
C GLY F 220 8.44 47.55 -1.91
N GLN F 221 8.73 46.42 -2.57
CA GLN F 221 8.13 45.16 -2.17
C GLN F 221 9.18 44.06 -2.03
N SER F 222 8.74 42.84 -1.85
CA SER F 222 9.59 41.67 -1.76
C SER F 222 9.59 40.89 -3.07
N PRO F 223 10.64 40.14 -3.36
CA PRO F 223 10.71 39.42 -4.63
C PRO F 223 9.60 38.39 -4.78
N GLN F 224 9.20 38.15 -6.02
CA GLN F 224 8.20 37.15 -6.33
C GLN F 224 8.67 36.32 -7.50
N LEU F 225 8.33 35.03 -7.48
CA LEU F 225 8.82 34.11 -8.50
C LEU F 225 8.06 34.29 -9.80
N LEU F 226 8.80 34.23 -10.91
CA LEU F 226 8.21 34.27 -12.25
C LEU F 226 8.33 32.94 -12.98
N ILE F 227 9.54 32.41 -13.11
CA ILE F 227 9.80 31.20 -13.88
C ILE F 227 10.69 30.29 -13.04
N TYR F 228 10.30 29.02 -12.93
CA TYR F 228 11.10 28.04 -12.19
C TYR F 228 11.54 26.92 -13.12
N ARG F 229 12.81 26.53 -12.98
CA ARG F 229 13.45 25.51 -13.81
C ARG F 229 13.40 25.90 -15.29
N MET F 230 13.43 27.20 -15.54
CA MET F 230 13.80 27.84 -16.81
C MET F 230 12.74 27.76 -17.91
N SER F 231 11.70 26.95 -17.75
CA SER F 231 10.69 26.84 -18.79
C SER F 231 9.28 26.68 -18.21
N ASN F 232 9.11 26.99 -16.93
CA ASN F 232 7.81 26.84 -16.28
C ASN F 232 7.35 28.20 -15.78
N LEU F 233 6.04 28.38 -15.76
CA LEU F 233 5.43 29.65 -15.37
C LEU F 233 4.79 29.48 -14.00
N ALA F 234 5.24 30.29 -13.04
CA ALA F 234 4.71 30.21 -11.69
C ALA F 234 3.24 30.62 -11.67
N SER F 235 2.45 29.89 -10.89
CA SER F 235 1.01 30.11 -10.83
C SER F 235 0.69 31.49 -10.27
N GLY F 236 0.14 32.37 -11.10
CA GLY F 236 -0.25 33.69 -10.66
C GLY F 236 0.25 34.81 -11.54
N VAL F 237 1.22 34.50 -12.40
CA VAL F 237 1.82 35.53 -13.25
C VAL F 237 1.18 35.44 -14.64
N PRO F 238 1.09 36.56 -15.37
CA PRO F 238 0.45 36.52 -16.69
C PRO F 238 1.20 35.64 -17.67
N ASP F 239 0.62 35.47 -18.84
CA ASP F 239 1.15 34.58 -19.85
C ASP F 239 2.16 35.24 -20.78
N ARG F 240 2.43 36.52 -20.61
CA ARG F 240 3.39 37.21 -21.47
C ARG F 240 4.84 36.93 -21.09
N PHE F 241 5.09 36.36 -19.91
CA PHE F 241 6.43 35.99 -19.50
C PHE F 241 6.78 34.61 -20.04
N SER F 242 7.99 34.48 -20.57
CA SER F 242 8.46 33.20 -21.09
C SER F 242 9.98 33.14 -20.94
N GLY F 243 10.49 31.91 -20.92
CA GLY F 243 11.92 31.70 -20.75
C GLY F 243 12.48 30.64 -21.67
N SER F 244 13.70 30.87 -22.17
CA SER F 244 14.33 29.98 -23.13
C SER F 244 15.81 29.87 -22.79
N GLY F 245 16.59 29.33 -23.73
CA GLY F 245 18.00 29.09 -23.52
C GLY F 245 18.27 27.73 -22.95
N SER F 246 19.55 27.32 -23.03
CA SER F 246 19.94 26.01 -22.53
C SER F 246 21.45 25.97 -22.39
N GLY F 247 21.91 25.36 -21.30
CA GLY F 247 23.33 25.24 -21.04
C GLY F 247 23.86 26.30 -20.10
N THR F 248 24.59 27.27 -20.65
CA THR F 248 25.15 28.36 -19.87
C THR F 248 24.61 29.72 -20.25
N ALA F 249 23.72 29.80 -21.25
CA ALA F 249 23.13 31.05 -21.68
C ALA F 249 21.61 30.91 -21.62
N PHE F 250 20.96 31.84 -20.91
CA PHE F 250 19.52 31.82 -20.74
C PHE F 250 18.97 33.21 -21.03
N THR F 251 17.69 33.25 -21.41
CA THR F 251 17.03 34.50 -21.76
C THR F 251 15.60 34.47 -21.26
N LEU F 252 15.16 35.60 -20.69
CA LEU F 252 13.77 35.80 -20.32
C LEU F 252 13.20 36.90 -21.21
N THR F 253 12.11 36.59 -21.89
CA THR F 253 11.49 37.52 -22.82
C THR F 253 10.06 37.82 -22.38
N ILE F 254 9.72 39.10 -22.33
CA ILE F 254 8.38 39.55 -21.97
C ILE F 254 7.82 40.33 -23.14
N SER F 255 6.52 40.15 -23.41
CA SER F 255 5.86 40.73 -24.56
C SER F 255 4.74 41.65 -24.10
N ARG F 256 4.66 42.84 -24.71
CA ARG F 256 3.63 43.82 -24.43
C ARG F 256 3.57 44.15 -22.93
N LEU F 257 4.68 44.70 -22.44
CA LEU F 257 4.76 45.02 -21.02
C LEU F 257 3.85 46.20 -20.68
N GLU F 258 3.22 46.11 -19.53
CA GLU F 258 2.37 47.17 -18.99
C GLU F 258 3.12 47.87 -17.86
N ALA F 259 2.44 48.78 -17.17
CA ALA F 259 3.08 49.51 -16.08
C ALA F 259 3.04 48.69 -14.79
N GLU F 260 3.47 47.43 -14.88
CA GLU F 260 3.59 46.58 -13.70
C GLU F 260 4.84 45.72 -13.72
N ASP F 261 5.66 45.80 -14.76
CA ASP F 261 6.89 45.03 -14.87
C ASP F 261 8.12 45.87 -14.54
N VAL F 262 7.93 47.07 -13.99
CA VAL F 262 9.06 47.88 -13.56
C VAL F 262 9.67 47.28 -12.30
N GLY F 263 10.99 47.20 -12.28
CA GLY F 263 11.70 46.64 -11.15
C GLY F 263 13.03 46.07 -11.60
N VAL F 264 13.57 45.17 -10.79
CA VAL F 264 14.83 44.51 -11.09
C VAL F 264 14.61 43.01 -11.14
N TYR F 265 15.29 42.35 -12.07
CA TYR F 265 15.11 40.93 -12.32
C TYR F 265 16.38 40.18 -11.91
N TYR F 266 16.19 39.03 -11.26
CA TYR F 266 17.30 38.22 -10.75
C TYR F 266 17.21 36.81 -11.31
N CYS F 267 18.35 36.28 -11.72
CA CYS F 267 18.47 34.87 -12.07
C CYS F 267 19.21 34.15 -10.95
N MET F 268 18.69 32.99 -10.57
CA MET F 268 19.24 32.20 -9.47
C MET F 268 19.41 30.77 -9.94
N GLN F 269 20.51 30.14 -9.52
CA GLN F 269 20.75 28.74 -9.83
C GLN F 269 20.47 27.89 -8.59
N HIS F 270 19.84 26.75 -8.80
CA HIS F 270 19.54 25.80 -7.73
C HIS F 270 20.17 24.44 -8.03
N LEU F 271 21.35 24.46 -8.64
CA LEU F 271 22.03 23.22 -8.95
C LEU F 271 22.71 22.67 -7.72
N GLU F 272 23.54 23.47 -7.06
CA GLU F 272 24.33 22.97 -5.93
C GLU F 272 23.87 23.40 -4.54
N TYR F 273 24.77 23.27 -3.56
CA TYR F 273 24.43 23.62 -2.18
C TYR F 273 24.36 25.13 -1.93
N PRO F 274 25.39 25.89 -2.31
CA PRO F 274 25.38 27.31 -1.97
C PRO F 274 24.65 28.06 -3.05
N LEU F 275 23.46 28.59 -2.76
CA LEU F 275 22.71 29.20 -3.85
C LEU F 275 23.27 30.58 -4.17
N THR F 276 23.31 30.91 -5.45
CA THR F 276 23.88 32.17 -5.92
C THR F 276 22.87 32.91 -6.80
N PHE F 277 22.96 34.23 -6.76
CA PHE F 277 22.05 35.11 -7.49
C PHE F 277 22.84 35.94 -8.50
N GLY F 278 22.12 36.44 -9.49
CA GLY F 278 22.70 37.40 -10.41
C GLY F 278 22.76 38.79 -9.81
N ALA F 279 23.37 39.71 -10.55
CA ALA F 279 23.52 41.08 -10.06
C ALA F 279 22.18 41.81 -10.07
N GLY F 280 21.37 41.61 -11.11
CA GLY F 280 20.08 42.26 -11.20
C GLY F 280 20.04 43.42 -12.16
N THR F 281 19.01 43.45 -13.04
CA THR F 281 18.84 44.46 -14.05
C THR F 281 17.60 45.26 -13.94
N LYS F 282 17.77 46.57 -13.85
CA LYS F 282 16.66 47.48 -13.66
C LYS F 282 15.94 47.78 -14.91
N LEU F 283 14.64 47.92 -14.80
CA LEU F 283 13.84 48.29 -15.97
C LEU F 283 13.10 49.58 -15.64
N GLU F 284 13.53 50.68 -16.24
CA GLU F 284 12.94 51.99 -16.01
C GLU F 284 12.04 52.37 -17.18
N LEU F 285 11.04 53.20 -16.89
CA LEU F 285 10.14 53.70 -17.92
C LEU F 285 10.56 55.09 -18.39
#